data_4ZPX
#
_entry.id   4ZPX
#
_cell.length_a   40.620
_cell.length_b   61.599
_cell.length_c   76.321
_cell.angle_alpha   74.61
_cell.angle_beta   87.11
_cell.angle_gamma   83.45
#
_symmetry.space_group_name_H-M   'P 1'
#
loop_
_entity.id
_entity.type
_entity.pdbx_description
1 polymer 'ATP-dependent protease Lon'
2 non-polymer GLYCEROL
3 water water
#
_entity_poly.entity_id   1
_entity_poly.type   'polypeptide(L)'
_entity_poly.pdbx_seq_one_letter_code
;MGDNEKINREALAPREYGESLELGIEFTTTEEIEVPEKLIDQVIGQEHAVEVIKTAANQKRHVLLIGEPGTGKSMLGQAM
AELLPTETLEDILVFPNPEDENMPRIKTVPACQGRRIVEKYREKAKSQESVKSYILLFVMFTVMLALFIEFSATTLLMGL
FVVILTIMALSNMRLKSTVLVPKLLVDNCGRTKAPFIDATGAHAGALLGDVRHDPFQSGGLGTPAHERVEPGMIHRAHKG
VLFIDEIATLSLKMQQSLLTAMQEKKFPITGQSEMSSGAMVRTEPVPCDFVLVAAGNLDTVDKMHPALRSRIRGYGYEVY
MRTTMPDTIENRRKLVQFVAQEVKRDGKIPHFTKEAVEEIVREAQKRAGRKGHLTLRLRDLGGIVRAAGDIAVKKGKKYV
EREDVIEAVKMAK
;
_entity_poly.pdbx_strand_id   A,B
#
# COMPACT_ATOMS: atom_id res chain seq x y z
N SER A 20 -26.78 15.71 -26.09
CA SER A 20 -27.86 15.33 -25.14
C SER A 20 -27.32 14.91 -23.77
N LEU A 21 -26.10 14.37 -23.69
CA LEU A 21 -25.64 13.77 -22.43
C LEU A 21 -25.55 14.76 -21.32
N GLU A 22 -25.96 14.35 -20.13
CA GLU A 22 -25.84 15.14 -18.93
C GLU A 22 -24.39 15.03 -18.43
N LEU A 23 -23.78 16.14 -18.03
CA LEU A 23 -22.32 16.24 -17.68
C LEU A 23 -21.98 16.67 -16.24
N GLY A 24 -22.99 17.06 -15.48
CA GLY A 24 -22.83 17.40 -14.08
C GLY A 24 -22.20 18.75 -13.89
N ILE A 25 -22.22 19.57 -14.94
CA ILE A 25 -21.65 20.91 -14.87
C ILE A 25 -22.13 21.68 -16.11
N GLU A 26 -22.35 22.98 -15.88
CA GLU A 26 -22.83 23.92 -16.90
C GLU A 26 -21.70 24.75 -17.38
N PHE A 27 -21.44 24.71 -18.68
CA PHE A 27 -20.35 25.50 -19.22
C PHE A 27 -20.67 25.70 -20.66
N THR A 28 -20.09 26.73 -21.28
CA THR A 28 -20.17 26.82 -22.72
C THR A 28 -18.96 26.21 -23.43
N THR A 29 -17.75 26.47 -22.94
CA THR A 29 -16.57 25.78 -23.46
C THR A 29 -15.62 25.46 -22.37
N THR A 30 -14.76 24.50 -22.63
CA THR A 30 -13.78 24.10 -21.63
C THR A 30 -12.86 25.21 -21.17
N GLU A 31 -12.93 26.38 -21.81
CA GLU A 31 -12.21 27.58 -21.34
C GLU A 31 -12.61 27.87 -19.88
N GLU A 32 -13.84 27.55 -19.51
CA GLU A 32 -14.39 27.87 -18.23
C GLU A 32 -14.03 26.80 -17.19
N ILE A 33 -13.27 25.78 -17.57
CA ILE A 33 -12.95 24.71 -16.65
C ILE A 33 -11.64 24.90 -15.91
N GLU A 34 -11.73 24.88 -14.57
CA GLU A 34 -10.55 25.02 -13.70
C GLU A 34 -9.72 23.75 -13.75
N VAL A 35 -8.42 23.90 -13.78
CA VAL A 35 -7.49 22.79 -13.81
C VAL A 35 -6.55 22.86 -12.62
N PRO A 36 -6.43 21.77 -11.84
CA PRO A 36 -5.59 21.86 -10.65
C PRO A 36 -4.11 22.15 -10.93
N GLU A 37 -3.46 22.93 -10.07
CA GLU A 37 -2.04 23.28 -10.21
C GLU A 37 -1.15 22.02 -10.21
N LYS A 38 -1.38 21.06 -9.30
CA LYS A 38 -0.41 19.94 -9.19
C LYS A 38 -0.85 18.76 -10.00
N LEU A 39 0.13 18.06 -10.57
CA LEU A 39 -0.14 16.91 -11.41
C LEU A 39 -0.89 15.80 -10.68
N ILE A 40 -0.61 15.53 -9.40
CA ILE A 40 -1.30 14.38 -8.77
C ILE A 40 -2.77 14.73 -8.72
N ASP A 41 -3.12 16.02 -8.61
CA ASP A 41 -4.54 16.42 -8.59
C ASP A 41 -5.22 16.33 -9.96
N GLN A 42 -4.45 16.24 -11.01
CA GLN A 42 -4.97 16.12 -12.35
C GLN A 42 -5.24 14.71 -12.75
N VAL A 43 -4.69 13.76 -12.02
CA VAL A 43 -4.96 12.39 -12.37
C VAL A 43 -6.47 12.11 -12.27
N ILE A 44 -7.03 11.42 -13.26
CA ILE A 44 -8.44 11.08 -13.32
C ILE A 44 -8.73 9.67 -12.89
N GLY A 45 -9.59 9.51 -11.86
CA GLY A 45 -10.20 8.20 -11.62
C GLY A 45 -9.35 7.01 -11.14
N GLN A 46 -8.24 7.30 -10.52
CA GLN A 46 -7.41 6.22 -10.02
C GLN A 46 -7.15 6.55 -8.59
N GLU A 47 -8.23 6.68 -7.78
CA GLU A 47 -8.11 7.21 -6.40
C GLU A 47 -7.13 6.40 -5.55
N HIS A 48 -7.09 5.10 -5.74
CA HIS A 48 -6.22 4.29 -4.90
C HIS A 48 -4.77 4.48 -5.38
N ALA A 49 -4.51 4.48 -6.69
CA ALA A 49 -3.14 4.77 -7.18
C ALA A 49 -2.66 6.13 -6.66
N VAL A 50 -3.56 7.12 -6.68
CA VAL A 50 -3.23 8.40 -6.25
C VAL A 50 -2.83 8.44 -4.77
N GLU A 51 -3.61 7.82 -3.90
CA GLU A 51 -3.26 7.87 -2.47
C GLU A 51 -1.92 7.05 -2.24
N VAL A 52 -1.71 5.95 -2.97
CA VAL A 52 -0.44 5.16 -2.92
C VAL A 52 0.78 6.01 -3.38
N ILE A 53 0.65 6.70 -4.53
CA ILE A 53 1.74 7.58 -4.96
C ILE A 53 2.06 8.64 -3.90
N LYS A 54 1.06 9.23 -3.27
CA LYS A 54 1.36 10.22 -2.18
C LYS A 54 2.08 9.63 -1.02
N THR A 55 1.61 8.47 -0.62
CA THR A 55 2.25 7.75 0.46
C THR A 55 3.70 7.37 0.14
N ALA A 56 3.90 6.87 -1.05
CA ALA A 56 5.19 6.42 -1.47
C ALA A 56 6.15 7.55 -1.59
N ALA A 57 5.67 8.70 -2.03
CA ALA A 57 6.51 9.86 -2.12
C ALA A 57 6.87 10.38 -0.73
N ASN A 58 5.96 10.24 0.20
CA ASN A 58 6.22 10.71 1.57
C ASN A 58 7.24 9.80 2.29
N GLN A 59 7.14 8.50 2.10
CA GLN A 59 8.03 7.55 2.74
C GLN A 59 9.27 7.22 1.88
N LYS A 60 9.29 7.66 0.64
CA LYS A 60 10.32 7.28 -0.39
C LYS A 60 10.35 5.81 -0.71
N ARG A 61 9.28 5.26 -1.23
CA ARG A 61 9.21 3.85 -1.52
C ARG A 61 8.95 3.62 -3.00
N HIS A 62 9.45 2.51 -3.51
CA HIS A 62 9.35 2.17 -4.89
C HIS A 62 7.95 1.70 -5.15
N VAL A 63 7.56 1.75 -6.41
CA VAL A 63 6.18 1.47 -6.76
C VAL A 63 6.18 0.76 -8.07
N LEU A 64 5.43 -0.32 -8.12
CA LEU A 64 5.13 -0.96 -9.37
C LEU A 64 3.65 -0.71 -9.78
N LEU A 65 3.47 -0.03 -10.91
CA LEU A 65 2.17 0.21 -11.46
C LEU A 65 1.81 -0.81 -12.48
N ILE A 66 0.67 -1.45 -12.29
CA ILE A 66 0.28 -2.51 -13.12
C ILE A 66 -1.03 -2.13 -13.76
N GLY A 67 -0.99 -1.85 -15.05
CA GLY A 67 -2.20 -1.41 -15.72
C GLY A 67 -2.07 -1.58 -17.21
N GLU A 68 -3.20 -1.53 -17.86
CA GLU A 68 -3.26 -1.64 -19.33
C GLU A 68 -2.54 -0.49 -20.03
N PRO A 69 -2.09 -0.69 -21.26
CA PRO A 69 -1.44 0.40 -21.95
C PRO A 69 -2.38 1.64 -22.15
N GLY A 70 -1.79 2.83 -22.11
CA GLY A 70 -2.56 4.08 -22.18
C GLY A 70 -3.44 4.46 -20.99
N THR A 71 -2.96 4.12 -19.79
CA THR A 71 -3.75 4.22 -18.57
C THR A 71 -3.06 5.30 -17.68
N GLY A 72 -2.14 6.07 -18.24
CA GLY A 72 -1.49 7.12 -17.45
C GLY A 72 -0.45 6.71 -16.42
N LYS A 73 0.30 5.69 -16.73
CA LYS A 73 1.29 5.29 -15.79
C LYS A 73 2.40 6.31 -15.64
N SER A 74 2.85 6.87 -16.77
CA SER A 74 3.93 7.82 -16.78
C SER A 74 3.58 9.10 -16.07
N MET A 75 2.38 9.60 -16.33
CA MET A 75 1.88 10.72 -15.58
C MET A 75 1.92 10.55 -14.02
N LEU A 76 1.68 9.33 -13.51
CA LEU A 76 1.65 9.12 -12.07
C LEU A 76 3.08 9.16 -11.58
N GLY A 77 4.00 8.71 -12.40
CA GLY A 77 5.47 8.81 -12.16
C GLY A 77 5.89 10.28 -12.05
N GLN A 78 5.40 11.07 -12.97
CA GLN A 78 5.69 12.50 -12.97
C GLN A 78 5.11 13.22 -11.79
N ALA A 79 3.90 12.84 -11.39
CA ALA A 79 3.24 13.48 -10.29
C ALA A 79 3.99 13.18 -9.06
N MET A 80 4.51 11.97 -9.00
CA MET A 80 5.33 11.59 -7.85
C MET A 80 6.60 12.41 -7.75
N ALA A 81 7.29 12.64 -8.86
CA ALA A 81 8.47 13.48 -8.84
C ALA A 81 8.17 14.87 -8.26
N GLU A 82 6.95 15.43 -8.54
CA GLU A 82 6.56 16.79 -8.02
C GLU A 82 6.35 16.78 -6.56
N LEU A 83 5.98 15.64 -6.03
CA LEU A 83 5.77 15.50 -4.61
C LEU A 83 7.00 15.33 -3.79
N LEU A 84 8.10 15.02 -4.41
CA LEU A 84 9.36 14.78 -3.67
C LEU A 84 10.05 16.09 -3.24
N PRO A 85 10.85 15.99 -2.17
CA PRO A 85 11.60 17.18 -1.76
C PRO A 85 12.63 17.63 -2.79
N THR A 86 12.68 18.94 -3.01
CA THR A 86 13.69 19.61 -3.83
C THR A 86 14.79 20.35 -3.03
N GLU A 87 14.61 20.52 -1.71
CA GLU A 87 15.49 21.33 -0.84
C GLU A 87 16.92 20.84 -0.90
N THR A 88 17.05 19.56 -1.16
CA THR A 88 18.17 18.77 -0.84
C THR A 88 18.86 18.19 -2.06
N LEU A 89 18.45 18.60 -3.26
CA LEU A 89 18.99 18.00 -4.47
C LEU A 89 20.50 18.19 -4.52
N GLU A 90 21.18 17.28 -5.23
CA GLU A 90 22.66 17.28 -5.34
C GLU A 90 23.14 17.18 -6.82
N ASP A 91 24.33 17.73 -7.05
CA ASP A 91 25.09 17.61 -8.27
C ASP A 91 26.12 16.51 -8.09
N ILE A 92 26.55 15.88 -9.18
CA ILE A 92 27.47 14.75 -9.04
C ILE A 92 28.66 15.07 -9.97
N LEU A 93 29.85 15.15 -9.40
CA LEU A 93 31.08 15.44 -10.13
C LEU A 93 31.92 14.20 -10.14
N VAL A 94 32.66 14.02 -11.21
CA VAL A 94 33.65 12.95 -11.28
C VAL A 94 35.04 13.62 -11.36
N PHE A 95 36.01 13.01 -10.65
CA PHE A 95 37.36 13.57 -10.45
C PHE A 95 38.37 12.51 -10.89
N PRO A 96 39.58 12.94 -11.31
CA PRO A 96 40.68 11.94 -11.51
C PRO A 96 41.12 11.26 -10.22
N ASN A 97 41.52 9.99 -10.32
CA ASN A 97 42.13 9.25 -9.22
C ASN A 97 43.66 9.13 -9.50
N PRO A 98 44.49 9.91 -8.79
CA PRO A 98 45.97 9.84 -8.93
C PRO A 98 46.51 8.49 -8.46
N GLU A 99 46.15 8.05 -7.25
CA GLU A 99 46.35 6.64 -6.87
C GLU A 99 46.02 5.69 -8.04
N ASP A 100 44.91 5.92 -8.76
CA ASP A 100 44.41 4.88 -9.70
C ASP A 100 43.56 5.44 -10.87
N GLU A 101 44.17 5.84 -11.97
CA GLU A 101 43.42 6.44 -13.08
C GLU A 101 42.06 5.74 -13.33
N ASN A 102 42.08 4.41 -13.47
CA ASN A 102 40.86 3.65 -13.85
C ASN A 102 39.79 3.39 -12.75
N MET A 103 39.95 4.05 -11.61
CA MET A 103 38.90 4.20 -10.62
C MET A 103 38.69 5.68 -10.34
N PRO A 104 38.09 6.40 -11.33
CA PRO A 104 37.85 7.82 -11.08
C PRO A 104 37.00 8.04 -9.81
N ARG A 105 37.29 9.09 -9.07
CA ARG A 105 36.63 9.42 -7.81
C ARG A 105 35.30 10.23 -8.04
N ILE A 106 34.34 10.05 -7.14
CA ILE A 106 32.99 10.63 -7.28
C ILE A 106 32.73 11.54 -6.10
N LYS A 107 32.27 12.76 -6.36
CA LYS A 107 31.85 13.63 -5.29
C LYS A 107 30.42 14.19 -5.55
N THR A 108 29.62 14.32 -4.50
CA THR A 108 28.37 14.99 -4.60
C THR A 108 28.37 16.25 -3.79
N VAL A 109 27.72 17.29 -4.28
CA VAL A 109 27.62 18.55 -3.55
C VAL A 109 26.21 19.17 -3.73
N PRO A 110 25.79 20.07 -2.84
CA PRO A 110 24.44 20.65 -2.99
C PRO A 110 24.31 21.27 -4.37
N ALA A 111 23.09 21.21 -4.94
CA ALA A 111 22.91 21.60 -6.32
C ALA A 111 23.28 23.08 -6.52
N CYS A 112 23.91 23.36 -7.67
CA CYS A 112 24.54 24.63 -8.10
C CYS A 112 26.00 24.74 -7.70
N GLN A 113 26.38 24.15 -6.56
CA GLN A 113 27.80 24.08 -6.20
C GLN A 113 28.61 23.40 -7.27
N GLY A 114 27.97 22.53 -8.05
CA GLY A 114 28.65 21.68 -9.04
C GLY A 114 29.44 22.55 -9.99
N ARG A 115 28.70 23.47 -10.62
CA ARG A 115 29.22 24.41 -11.58
C ARG A 115 30.27 25.34 -10.93
N ARG A 116 30.06 25.73 -9.68
CA ARG A 116 31.05 26.58 -9.00
C ARG A 116 32.39 25.82 -8.95
N ILE A 117 32.36 24.58 -8.50
CA ILE A 117 33.59 23.82 -8.35
C ILE A 117 34.31 23.67 -9.69
N VAL A 118 33.58 23.42 -10.77
CA VAL A 118 34.23 23.36 -12.10
C VAL A 118 34.85 24.69 -12.57
N GLU A 119 34.19 25.81 -12.21
CA GLU A 119 34.68 27.16 -12.53
C GLU A 119 35.94 27.44 -11.71
N LYS A 120 35.89 27.17 -10.41
CA LYS A 120 37.05 27.32 -9.53
C LYS A 120 38.23 26.46 -9.95
N TYR A 121 38.02 25.42 -10.76
CA TYR A 121 39.14 24.60 -11.31
C TYR A 121 39.44 25.02 -12.75
N ARG A 122 38.95 26.18 -13.15
CA ARG A 122 38.96 26.53 -14.55
C ARG A 122 39.67 27.87 -14.73
N LEU A 180 44.01 19.16 -13.91
CA LEU A 180 42.90 18.31 -14.34
C LEU A 180 41.54 18.66 -13.71
N VAL A 181 40.67 19.19 -14.54
CA VAL A 181 39.38 19.67 -14.09
C VAL A 181 38.37 18.52 -13.81
N PRO A 182 37.65 18.62 -12.70
CA PRO A 182 36.52 17.72 -12.44
C PRO A 182 35.45 17.84 -13.49
N LYS A 183 34.70 16.77 -13.73
CA LYS A 183 33.63 16.80 -14.74
C LYS A 183 32.29 16.81 -14.01
N LEU A 184 31.37 17.69 -14.42
CA LEU A 184 30.01 17.71 -13.85
C LEU A 184 29.15 16.60 -14.47
N LEU A 185 28.83 15.58 -13.68
CA LEU A 185 28.30 14.37 -14.25
C LEU A 185 26.79 14.50 -14.29
N VAL A 186 26.24 15.08 -13.25
CA VAL A 186 24.81 15.38 -13.17
C VAL A 186 24.60 16.76 -12.55
N ASP A 187 23.92 17.61 -13.28
CA ASP A 187 23.68 19.00 -12.89
C ASP A 187 22.22 19.17 -12.54
N ASN A 188 21.91 19.47 -11.27
CA ASN A 188 20.52 19.78 -10.95
C ASN A 188 20.35 21.24 -10.49
N CYS A 189 21.30 22.10 -10.82
CA CYS A 189 21.17 23.55 -10.46
C CYS A 189 19.97 24.21 -11.12
N GLY A 190 19.20 24.95 -10.35
CA GLY A 190 18.00 25.62 -10.91
C GLY A 190 16.71 24.82 -10.73
N ARG A 191 16.79 23.56 -10.31
CA ARG A 191 15.61 22.72 -10.44
C ARG A 191 14.47 23.16 -9.59
N THR A 192 13.30 23.30 -10.21
CA THR A 192 12.07 23.54 -9.43
C THR A 192 11.42 22.25 -8.88
N LYS A 193 11.61 21.12 -9.56
CA LYS A 193 11.19 19.83 -8.99
C LYS A 193 12.27 18.78 -9.10
N ALA A 194 12.15 17.76 -8.25
CA ALA A 194 12.97 16.60 -8.29
C ALA A 194 12.87 16.00 -9.69
N PRO A 195 13.98 15.43 -10.16
CA PRO A 195 14.01 14.98 -11.52
C PRO A 195 13.10 13.76 -11.73
N PHE A 196 12.57 13.69 -12.94
CA PHE A 196 11.78 12.63 -13.44
C PHE A 196 12.52 12.16 -14.64
N ILE A 197 13.06 10.95 -14.57
CA ILE A 197 13.91 10.34 -15.52
C ILE A 197 13.20 9.13 -16.07
N ASP A 198 12.96 9.18 -17.37
CA ASP A 198 12.21 8.15 -18.00
C ASP A 198 13.13 7.21 -18.72
N ALA A 199 13.40 6.05 -18.12
CA ALA A 199 14.40 5.11 -18.72
C ALA A 199 13.75 3.96 -19.46
N THR A 200 12.52 4.19 -19.88
CA THR A 200 11.77 3.17 -20.56
C THR A 200 12.53 2.81 -21.83
N GLY A 201 12.73 1.54 -22.10
CA GLY A 201 13.47 1.11 -23.31
C GLY A 201 14.99 1.28 -23.30
N ALA A 202 15.59 1.77 -22.19
CA ALA A 202 17.01 2.14 -22.19
C ALA A 202 17.88 0.91 -22.20
N HIS A 203 19.12 1.05 -22.69
CA HIS A 203 20.05 -0.09 -22.80
C HIS A 203 20.96 -0.01 -21.62
N ALA A 204 21.78 -1.04 -21.41
CA ALA A 204 22.61 -1.12 -20.20
C ALA A 204 23.40 0.12 -19.90
N GLY A 205 24.14 0.62 -20.89
CA GLY A 205 25.00 1.79 -20.75
C GLY A 205 24.27 3.06 -20.36
N ALA A 206 23.21 3.40 -21.09
CA ALA A 206 22.33 4.51 -20.76
C ALA A 206 21.68 4.40 -19.37
N LEU A 207 21.17 3.23 -19.05
CA LEU A 207 20.55 3.01 -17.71
C LEU A 207 21.51 3.05 -16.52
N LEU A 208 22.61 2.31 -16.66
CA LEU A 208 23.57 2.00 -15.58
C LEU A 208 24.85 2.88 -15.61
N GLY A 209 25.13 3.49 -16.74
CA GLY A 209 26.35 4.27 -16.88
C GLY A 209 27.28 3.58 -17.83
N ASP A 210 28.14 4.37 -18.42
CA ASP A 210 29.05 3.90 -19.44
C ASP A 210 30.35 4.72 -19.36
N VAL A 211 31.29 4.37 -20.20
CA VAL A 211 32.46 5.20 -20.43
C VAL A 211 32.83 5.08 -21.91
N ARG A 212 33.06 6.21 -22.57
CA ARG A 212 33.50 6.20 -23.97
C ARG A 212 34.87 5.49 -24.16
N HIS A 213 35.11 4.97 -25.36
CA HIS A 213 36.38 4.27 -25.69
C HIS A 213 37.30 5.22 -26.46
N GLY A 219 48.80 10.84 -33.33
CA GLY A 219 49.86 11.36 -32.45
C GLY A 219 49.33 11.71 -31.07
N GLY A 220 48.30 10.96 -30.67
CA GLY A 220 47.42 11.33 -29.56
C GLY A 220 47.90 10.95 -28.17
N LEU A 221 47.67 11.87 -27.22
CA LEU A 221 47.84 11.68 -25.78
C LEU A 221 46.67 10.91 -25.15
N GLY A 222 45.46 11.04 -25.73
CA GLY A 222 44.25 10.36 -25.22
C GLY A 222 43.57 11.02 -24.03
N THR A 223 42.25 10.80 -23.89
CA THR A 223 41.43 11.47 -22.86
C THR A 223 41.55 10.78 -21.48
N PRO A 224 41.74 11.59 -20.42
CA PRO A 224 41.67 11.11 -19.03
C PRO A 224 40.39 10.30 -18.80
N ALA A 225 40.49 9.26 -17.99
CA ALA A 225 39.39 8.31 -17.81
C ALA A 225 38.13 9.01 -17.25
N HIS A 226 38.31 9.82 -16.23
CA HIS A 226 37.20 10.48 -15.54
C HIS A 226 36.37 11.38 -16.47
N GLU A 227 36.99 11.79 -17.56
CA GLU A 227 36.33 12.63 -18.52
C GLU A 227 35.52 11.78 -19.44
N ARG A 228 35.84 10.50 -19.57
CA ARG A 228 35.03 9.65 -20.45
C ARG A 228 33.83 8.95 -19.74
N VAL A 229 33.66 9.20 -18.44
CA VAL A 229 32.58 8.61 -17.66
C VAL A 229 31.21 9.29 -18.00
N GLU A 230 30.22 8.47 -18.36
CA GLU A 230 28.85 8.97 -18.57
C GLU A 230 27.82 8.41 -17.60
N PRO A 231 26.91 9.28 -17.10
CA PRO A 231 26.01 8.86 -16.04
C PRO A 231 24.93 8.01 -16.60
N GLY A 232 24.51 7.06 -15.81
CA GLY A 232 23.30 6.35 -16.11
C GLY A 232 22.07 7.20 -15.79
N MET A 233 20.96 6.72 -16.31
CA MET A 233 19.64 7.22 -15.92
C MET A 233 19.46 7.03 -14.42
N ILE A 234 19.94 5.92 -13.92
CA ILE A 234 19.87 5.69 -12.46
C ILE A 234 20.54 6.80 -11.65
N HIS A 235 21.67 7.34 -12.14
CA HIS A 235 22.35 8.47 -11.42
C HIS A 235 21.68 9.84 -11.63
N ARG A 236 21.20 10.05 -12.82
CA ARG A 236 20.39 11.22 -13.12
C ARG A 236 19.15 11.32 -12.24
N ALA A 237 18.56 10.18 -11.92
CA ALA A 237 17.39 10.10 -11.02
C ALA A 237 17.73 10.18 -9.54
N HIS A 238 19.00 10.41 -9.22
CA HIS A 238 19.43 10.54 -7.81
C HIS A 238 18.59 11.63 -7.11
N LYS A 239 17.87 11.22 -6.08
CA LYS A 239 16.97 12.10 -5.29
C LYS A 239 15.72 12.46 -6.08
N GLY A 240 15.40 11.65 -7.07
CA GLY A 240 14.21 11.85 -7.88
C GLY A 240 13.50 10.56 -8.12
N VAL A 241 12.88 10.51 -9.29
CA VAL A 241 12.12 9.37 -9.77
C VAL A 241 12.71 8.79 -11.01
N LEU A 242 12.90 7.49 -10.97
CA LEU A 242 13.24 6.73 -12.14
C LEU A 242 11.99 5.96 -12.58
N PHE A 243 11.47 6.27 -13.75
CA PHE A 243 10.31 5.59 -14.34
C PHE A 243 10.73 4.60 -15.44
N ILE A 244 10.20 3.39 -15.40
CA ILE A 244 10.51 2.33 -16.39
C ILE A 244 9.26 1.60 -16.72
N ASP A 245 8.67 1.93 -17.86
CA ASP A 245 7.52 1.20 -18.37
C ASP A 245 8.03 -0.11 -19.01
N GLU A 246 7.17 -1.14 -19.13
CA GLU A 246 7.60 -2.45 -19.62
C GLU A 246 8.86 -2.95 -18.96
N ILE A 247 8.93 -2.74 -17.67
CA ILE A 247 10.10 -3.14 -16.93
C ILE A 247 10.38 -4.62 -17.21
N ALA A 248 9.36 -5.40 -17.55
CA ALA A 248 9.58 -6.83 -17.73
C ALA A 248 10.33 -7.16 -19.03
N THR A 249 10.46 -6.21 -19.94
CA THR A 249 11.20 -6.44 -21.15
C THR A 249 12.69 -6.12 -21.02
N LEU A 250 13.15 -5.48 -19.95
CA LEU A 250 14.58 -5.39 -19.69
C LEU A 250 15.18 -6.79 -19.48
N SER A 251 16.44 -6.92 -19.80
CA SER A 251 17.13 -8.16 -19.57
C SER A 251 17.15 -8.43 -18.07
N LEU A 252 17.24 -9.69 -17.71
CA LEU A 252 17.33 -10.09 -16.30
C LEU A 252 18.56 -9.49 -15.59
N LYS A 253 19.70 -9.49 -16.27
CA LYS A 253 20.93 -8.86 -15.77
C LYS A 253 20.77 -7.33 -15.49
N MET A 254 20.04 -6.64 -16.34
CA MET A 254 19.72 -5.20 -16.05
C MET A 254 18.76 -5.02 -14.88
N GLN A 255 17.76 -5.88 -14.80
CA GLN A 255 16.87 -5.88 -13.59
C GLN A 255 17.62 -6.16 -12.31
N GLN A 256 18.50 -7.13 -12.39
CA GLN A 256 19.37 -7.43 -11.26
C GLN A 256 20.25 -6.25 -10.92
N SER A 257 20.81 -5.56 -11.95
CA SER A 257 21.63 -4.37 -11.61
C SER A 257 20.80 -3.25 -10.96
N LEU A 258 19.60 -3.05 -11.46
CA LEU A 258 18.64 -2.12 -10.86
C LEU A 258 18.41 -2.44 -9.35
N LEU A 259 18.18 -3.72 -9.12
CA LEU A 259 17.93 -4.24 -7.78
C LEU A 259 19.15 -3.91 -6.96
N THR A 260 20.33 -4.24 -7.45
CA THR A 260 21.53 -3.90 -6.64
C THR A 260 21.61 -2.43 -6.36
N ALA A 261 21.35 -1.64 -7.37
CA ALA A 261 21.31 -0.19 -7.20
C ALA A 261 20.31 0.26 -6.14
N MET A 262 19.14 -0.34 -6.15
CA MET A 262 18.11 -0.01 -5.16
C MET A 262 18.57 -0.37 -3.76
N GLN A 263 19.22 -1.54 -3.63
CA GLN A 263 19.74 -2.01 -2.31
C GLN A 263 20.80 -1.12 -1.76
N GLU A 264 21.78 -0.75 -2.61
CA GLU A 264 22.90 0.00 -2.19
C GLU A 264 22.71 1.50 -2.31
N LYS A 265 21.77 1.97 -3.11
CA LYS A 265 21.60 3.47 -3.25
C LYS A 265 22.81 4.16 -3.86
N LYS A 266 23.66 3.32 -4.42
CA LYS A 266 24.88 3.74 -5.15
C LYS A 266 25.24 2.64 -6.13
N PHE A 267 25.94 2.97 -7.19
CA PHE A 267 26.27 1.99 -8.25
C PHE A 267 27.49 2.55 -9.04
N PRO A 268 28.53 1.70 -9.24
CA PRO A 268 29.70 2.17 -9.91
C PRO A 268 29.44 2.29 -11.38
N ILE A 269 30.05 3.27 -12.01
CA ILE A 269 29.97 3.38 -13.43
C ILE A 269 31.19 2.64 -14.00
N THR A 270 30.93 1.78 -14.97
CA THR A 270 31.97 1.08 -15.65
C THR A 270 31.59 0.93 -17.14
N GLY A 271 32.59 0.68 -17.99
CA GLY A 271 32.32 0.58 -19.42
C GLY A 271 31.50 -0.64 -19.73
N GLN A 272 30.42 -0.48 -20.48
CA GLN A 272 29.56 -1.63 -20.80
C GLN A 272 29.98 -2.36 -22.09
N SER A 273 31.05 -1.91 -22.75
CA SER A 273 31.53 -2.58 -23.97
C SER A 273 32.90 -2.05 -24.44
N MET A 280 39.54 -1.64 -18.35
CA MET A 280 38.22 -1.53 -17.74
C MET A 280 38.25 -0.32 -16.83
N VAL A 281 37.48 0.72 -17.17
CA VAL A 281 37.30 1.84 -16.25
C VAL A 281 36.14 1.44 -15.33
N ARG A 282 36.30 1.72 -14.03
CA ARG A 282 35.25 1.46 -13.04
C ARG A 282 35.33 2.41 -11.89
N THR A 283 34.42 3.40 -11.88
CA THR A 283 34.47 4.50 -10.94
C THR A 283 34.11 3.93 -9.60
N GLU A 284 34.30 4.71 -8.57
CA GLU A 284 33.76 4.32 -7.31
C GLU A 284 32.26 4.51 -7.34
N PRO A 285 31.55 3.93 -6.35
CA PRO A 285 30.07 3.91 -6.40
C PRO A 285 29.45 5.31 -6.58
N VAL A 286 28.50 5.38 -7.48
CA VAL A 286 27.86 6.68 -7.84
C VAL A 286 26.48 6.75 -7.25
N PRO A 287 26.15 7.81 -6.50
CA PRO A 287 24.86 7.89 -5.84
C PRO A 287 23.73 7.74 -6.85
N CYS A 288 22.72 6.97 -6.45
CA CYS A 288 21.55 6.72 -7.26
C CYS A 288 20.41 6.42 -6.33
N ASP A 289 20.07 7.35 -5.43
CA ASP A 289 18.97 7.08 -4.50
C ASP A 289 17.68 7.49 -5.16
N PHE A 290 17.24 6.72 -6.12
CA PHE A 290 16.02 7.13 -6.81
C PHE A 290 14.83 6.42 -6.16
N VAL A 291 13.62 6.95 -6.40
CA VAL A 291 12.41 6.16 -6.18
C VAL A 291 12.09 5.57 -7.50
N LEU A 292 12.05 4.27 -7.56
CA LEU A 292 11.59 3.54 -8.74
C LEU A 292 10.08 3.54 -8.92
N VAL A 293 9.65 3.95 -10.09
CA VAL A 293 8.33 3.73 -10.52
C VAL A 293 8.33 2.85 -11.74
N ALA A 294 8.15 1.56 -11.52
CA ALA A 294 8.11 0.58 -12.58
C ALA A 294 6.68 0.39 -13.05
N ALA A 295 6.50 0.12 -14.31
CA ALA A 295 5.18 -0.13 -14.78
C ALA A 295 5.13 -1.30 -15.69
N GLY A 296 3.93 -1.85 -15.86
CA GLY A 296 3.79 -3.01 -16.70
C GLY A 296 2.33 -3.32 -16.86
N ASN A 297 2.02 -4.34 -17.65
CA ASN A 297 0.67 -4.73 -17.96
C ASN A 297 0.35 -5.99 -17.20
N LEU A 298 -0.92 -6.14 -16.86
CA LEU A 298 -1.31 -7.30 -16.07
C LEU A 298 -0.81 -8.61 -16.62
N ASP A 299 -0.84 -8.82 -17.92
CA ASP A 299 -0.53 -10.16 -18.42
C ASP A 299 0.93 -10.28 -18.88
N THR A 300 1.76 -9.31 -18.51
CA THR A 300 3.16 -9.34 -18.91
C THR A 300 4.11 -9.26 -17.71
N VAL A 301 3.63 -8.74 -16.57
CA VAL A 301 4.52 -8.40 -15.45
C VAL A 301 5.05 -9.57 -14.72
N ASP A 302 4.38 -10.73 -14.80
CA ASP A 302 4.86 -11.91 -14.05
C ASP A 302 6.19 -12.40 -14.62
N LYS A 303 6.59 -11.88 -15.78
CA LYS A 303 7.84 -12.25 -16.42
C LYS A 303 9.02 -11.48 -15.90
N MET A 304 8.80 -10.47 -15.07
CA MET A 304 9.90 -9.64 -14.64
C MET A 304 10.72 -10.43 -13.66
N HIS A 305 11.92 -9.95 -13.34
CA HIS A 305 12.85 -10.63 -12.44
C HIS A 305 12.28 -10.77 -11.01
N PRO A 306 12.19 -12.02 -10.51
CA PRO A 306 11.44 -12.27 -9.30
C PRO A 306 12.07 -11.66 -8.10
N ALA A 307 13.39 -11.49 -8.06
CA ALA A 307 13.96 -10.78 -6.97
C ALA A 307 13.59 -9.26 -7.03
N LEU A 308 13.37 -8.70 -8.21
CA LEU A 308 12.94 -7.28 -8.28
C LEU A 308 11.54 -7.13 -7.74
N ARG A 309 10.67 -7.97 -8.23
CA ARG A 309 9.32 -7.97 -7.73
C ARG A 309 9.20 -8.20 -6.22
N SER A 310 10.03 -9.05 -5.63
CA SER A 310 9.98 -9.33 -4.21
C SER A 310 10.46 -8.18 -3.45
N ARG A 311 11.40 -7.44 -4.01
CA ARG A 311 11.86 -6.25 -3.35
C ARG A 311 10.78 -5.16 -3.36
N ILE A 312 10.14 -5.01 -4.51
CA ILE A 312 8.97 -4.07 -4.54
C ILE A 312 7.88 -4.51 -3.54
N ARG A 313 7.50 -5.79 -3.57
CA ARG A 313 6.47 -6.30 -2.66
C ARG A 313 6.91 -6.25 -1.23
N GLY A 314 8.21 -6.40 -0.99
CA GLY A 314 8.72 -6.37 0.37
C GLY A 314 8.93 -5.04 0.99
N TYR A 315 9.35 -4.06 0.20
CA TYR A 315 9.67 -2.76 0.74
C TYR A 315 8.86 -1.64 0.12
N GLY A 316 8.04 -1.92 -0.91
CA GLY A 316 7.34 -0.85 -1.62
C GLY A 316 5.89 -1.16 -1.89
N TYR A 317 5.36 -0.64 -3.00
CA TYR A 317 3.91 -0.75 -3.29
C TYR A 317 3.64 -1.21 -4.66
N GLU A 318 2.75 -2.18 -4.76
CA GLU A 318 2.18 -2.64 -6.00
C GLU A 318 0.83 -1.97 -6.13
N VAL A 319 0.54 -1.36 -7.30
CA VAL A 319 -0.79 -0.82 -7.59
C VAL A 319 -1.42 -1.44 -8.82
N TYR A 320 -2.63 -1.95 -8.64
CA TYR A 320 -3.39 -2.66 -9.68
C TYR A 320 -4.39 -1.57 -10.05
N MET A 321 -4.08 -0.91 -11.15
CA MET A 321 -4.79 0.21 -11.65
C MET A 321 -6.16 -0.20 -12.21
N ARG A 322 -7.12 0.71 -12.14
CA ARG A 322 -8.42 0.45 -12.71
C ARG A 322 -8.30 0.58 -14.17
N THR A 323 -9.25 -0.01 -14.88
CA THR A 323 -9.33 0.20 -16.29
C THR A 323 -10.68 0.80 -16.73
N THR A 324 -11.68 0.86 -15.85
CA THR A 324 -12.90 1.55 -16.09
C THR A 324 -13.35 2.17 -14.82
N MET A 325 -14.25 3.11 -14.95
CA MET A 325 -14.99 3.65 -13.80
C MET A 325 -16.46 3.63 -14.22
N PRO A 326 -17.34 3.61 -13.20
CA PRO A 326 -18.73 3.56 -13.52
C PRO A 326 -19.23 4.87 -14.13
N ASP A 327 -20.13 4.70 -15.10
CA ASP A 327 -20.73 5.84 -15.73
C ASP A 327 -21.76 6.54 -14.86
N THR A 328 -21.29 7.46 -14.02
CA THR A 328 -22.10 8.31 -13.19
C THR A 328 -21.82 9.76 -13.51
N ILE A 329 -22.66 10.64 -13.01
CA ILE A 329 -22.49 12.06 -13.24
C ILE A 329 -21.17 12.57 -12.66
N GLU A 330 -20.87 12.13 -11.44
CA GLU A 330 -19.64 12.50 -10.79
C GLU A 330 -18.42 12.12 -11.65
N ASN A 331 -18.47 11.00 -12.36
CA ASN A 331 -17.38 10.54 -13.21
C ASN A 331 -17.40 11.27 -14.57
N ARG A 332 -18.57 11.65 -15.05
CA ARG A 332 -18.63 12.45 -16.28
C ARG A 332 -17.96 13.78 -16.06
N ARG A 333 -18.16 14.32 -14.87
CA ARG A 333 -17.57 15.55 -14.54
C ARG A 333 -16.03 15.48 -14.62
N LYS A 334 -15.48 14.34 -14.21
CA LYS A 334 -14.01 14.17 -14.25
C LYS A 334 -13.50 14.13 -15.72
N LEU A 335 -14.31 13.57 -16.60
CA LEU A 335 -14.00 13.63 -18.07
C LEU A 335 -14.05 15.04 -18.63
N VAL A 336 -14.91 15.89 -18.10
CA VAL A 336 -14.90 17.30 -18.48
C VAL A 336 -13.55 17.92 -18.09
N GLN A 337 -13.11 17.61 -16.87
CA GLN A 337 -11.82 18.10 -16.46
C GLN A 337 -10.69 17.53 -17.35
N PHE A 338 -10.82 16.26 -17.69
CA PHE A 338 -9.87 15.58 -18.59
C PHE A 338 -9.67 16.34 -19.90
N VAL A 339 -10.78 16.71 -20.54
CA VAL A 339 -10.69 17.47 -21.78
C VAL A 339 -9.99 18.78 -21.59
N ALA A 340 -10.38 19.53 -20.56
CA ALA A 340 -9.70 20.79 -20.24
C ALA A 340 -8.20 20.65 -20.02
N GLN A 341 -7.82 19.62 -19.31
CA GLN A 341 -6.39 19.38 -19.03
C GLN A 341 -5.60 19.04 -20.26
N GLU A 342 -6.14 18.20 -21.11
CA GLU A 342 -5.53 17.82 -22.35
C GLU A 342 -5.41 18.98 -23.31
N VAL A 343 -6.43 19.81 -23.45
CA VAL A 343 -6.30 21.02 -24.23
C VAL A 343 -5.13 21.84 -23.75
N LYS A 344 -5.04 22.04 -22.44
CA LYS A 344 -3.98 22.86 -21.89
C LYS A 344 -2.62 22.24 -22.09
N ARG A 345 -2.55 20.95 -21.96
CA ARG A 345 -1.26 20.32 -22.08
C ARG A 345 -0.78 20.35 -23.51
N ASP A 346 -1.70 20.21 -24.46
CA ASP A 346 -1.31 20.22 -25.84
C ASP A 346 -0.81 21.62 -26.20
N GLY A 347 -1.54 22.64 -25.79
CA GLY A 347 -1.16 24.02 -25.99
C GLY A 347 -1.47 24.67 -27.33
N LYS A 348 -1.77 23.90 -28.36
CA LYS A 348 -1.95 24.44 -29.68
C LYS A 348 -3.30 24.07 -30.34
N ILE A 349 -4.25 23.66 -29.50
CA ILE A 349 -5.58 23.37 -30.00
C ILE A 349 -6.57 24.22 -29.24
N PRO A 350 -7.77 24.39 -29.82
CA PRO A 350 -8.75 25.18 -29.14
C PRO A 350 -9.45 24.41 -28.04
N HIS A 351 -10.05 25.17 -27.16
CA HIS A 351 -11.01 24.66 -26.18
C HIS A 351 -12.24 24.06 -26.83
N PHE A 352 -12.92 23.21 -26.07
CA PHE A 352 -14.00 22.38 -26.64
C PHE A 352 -15.30 22.96 -26.25
N THR A 353 -16.28 22.99 -27.19
CA THR A 353 -17.69 23.25 -26.78
C THR A 353 -18.26 22.15 -25.87
N LYS A 354 -19.25 22.50 -25.06
CA LYS A 354 -19.97 21.49 -24.31
C LYS A 354 -20.37 20.32 -25.19
N GLU A 355 -20.90 20.58 -26.39
CA GLU A 355 -21.32 19.48 -27.24
C GLU A 355 -20.17 18.58 -27.68
N ALA A 356 -19.02 19.18 -27.92
CA ALA A 356 -17.81 18.40 -28.27
C ALA A 356 -17.42 17.51 -27.06
N VAL A 357 -17.50 18.07 -25.88
CA VAL A 357 -17.15 17.29 -24.64
C VAL A 357 -18.14 16.14 -24.45
N GLU A 358 -19.42 16.35 -24.73
CA GLU A 358 -20.40 15.20 -24.75
C GLU A 358 -20.00 14.10 -25.67
N GLU A 359 -19.50 14.45 -26.84
CA GLU A 359 -19.05 13.44 -27.74
C GLU A 359 -17.79 12.72 -27.19
N ILE A 360 -16.91 13.43 -26.48
CA ILE A 360 -15.76 12.71 -25.84
C ILE A 360 -16.25 11.65 -24.80
N VAL A 361 -17.26 12.04 -24.07
CA VAL A 361 -17.95 11.13 -23.11
C VAL A 361 -18.59 9.91 -23.74
N ARG A 362 -19.31 10.12 -24.84
CA ARG A 362 -19.76 9.00 -25.68
C ARG A 362 -18.64 8.07 -26.08
N GLU A 363 -17.49 8.62 -26.49
CA GLU A 363 -16.39 7.76 -26.88
C GLU A 363 -15.90 6.94 -25.70
N ALA A 364 -15.93 7.60 -24.55
CA ALA A 364 -15.44 6.99 -23.31
C ALA A 364 -16.43 5.85 -22.89
N GLN A 365 -17.73 6.06 -23.15
CA GLN A 365 -18.70 4.93 -22.97
C GLN A 365 -18.43 3.80 -23.93
N LYS A 366 -18.26 4.11 -25.19
CA LYS A 366 -17.99 3.04 -26.12
C LYS A 366 -16.63 2.35 -26.00
N ARG A 367 -15.61 3.03 -25.49
CA ARG A 367 -14.30 2.40 -25.36
C ARG A 367 -14.18 1.59 -24.03
N ALA A 368 -15.21 1.64 -23.20
CA ALA A 368 -15.15 1.03 -21.89
C ALA A 368 -15.16 -0.48 -22.00
N GLY A 369 -15.98 -1.02 -22.87
CA GLY A 369 -16.10 -2.48 -22.98
C GLY A 369 -17.26 -3.01 -22.16
N ARG A 370 -17.46 -2.47 -20.97
CA ARG A 370 -18.64 -2.82 -20.18
C ARG A 370 -19.70 -1.74 -20.37
N LYS A 371 -20.98 -2.14 -20.32
CA LYS A 371 -22.09 -1.20 -20.34
C LYS A 371 -22.11 -0.48 -19.03
N GLY A 372 -22.71 0.69 -18.99
CA GLY A 372 -22.68 1.54 -17.80
C GLY A 372 -21.29 1.90 -17.29
N HIS A 373 -20.27 1.87 -18.13
CA HIS A 373 -18.92 2.30 -17.69
C HIS A 373 -18.26 3.28 -18.64
N LEU A 374 -17.21 3.88 -18.16
CA LEU A 374 -16.40 4.83 -18.89
C LEU A 374 -14.97 4.32 -18.88
N THR A 375 -14.26 4.43 -19.99
CA THR A 375 -12.90 4.00 -20.05
C THR A 375 -11.97 4.84 -19.21
N LEU A 376 -10.90 4.17 -18.72
CA LEU A 376 -9.80 4.88 -18.12
C LEU A 376 -8.52 4.66 -18.96
N ARG A 377 -8.69 4.13 -20.15
CA ARG A 377 -7.67 4.17 -21.15
C ARG A 377 -7.63 5.57 -21.71
N LEU A 378 -7.09 6.52 -20.93
CA LEU A 378 -7.17 7.91 -21.27
C LEU A 378 -6.13 8.34 -22.27
N ARG A 379 -5.13 7.53 -22.52
CA ARG A 379 -4.19 7.91 -23.58
C ARG A 379 -4.83 7.86 -24.95
N ASP A 380 -5.66 6.87 -25.22
CA ASP A 380 -6.43 6.80 -26.48
C ASP A 380 -7.42 7.96 -26.55
N LEU A 381 -8.08 8.26 -25.43
CA LEU A 381 -9.09 9.28 -25.40
C LEU A 381 -8.42 10.63 -25.56
N GLY A 382 -7.24 10.78 -24.98
CA GLY A 382 -6.41 11.94 -25.19
C GLY A 382 -6.00 12.16 -26.67
N GLY A 383 -5.69 11.09 -27.40
CA GLY A 383 -5.35 11.15 -28.84
C GLY A 383 -6.57 11.70 -29.62
N ILE A 384 -7.78 11.30 -29.23
CA ILE A 384 -9.03 11.83 -29.84
C ILE A 384 -9.27 13.30 -29.56
N VAL A 385 -9.06 13.76 -28.31
CA VAL A 385 -9.14 15.14 -27.98
C VAL A 385 -8.14 15.95 -28.86
N ARG A 386 -6.89 15.52 -28.92
CA ARG A 386 -5.86 16.32 -29.66
C ARG A 386 -6.10 16.27 -31.20
N ALA A 387 -6.44 15.13 -31.71
CA ALA A 387 -6.79 15.00 -33.12
C ALA A 387 -8.07 15.80 -33.50
N ALA A 388 -9.08 15.87 -32.64
CA ALA A 388 -10.19 16.80 -32.91
C ALA A 388 -9.81 18.24 -32.84
N GLY A 389 -9.03 18.62 -31.83
CA GLY A 389 -8.50 19.94 -31.86
C GLY A 389 -7.70 20.27 -33.18
N ASP A 390 -6.90 19.36 -33.65
CA ASP A 390 -6.08 19.56 -34.85
C ASP A 390 -7.03 19.76 -36.05
N ILE A 391 -8.09 18.97 -36.16
CA ILE A 391 -9.11 19.17 -37.19
C ILE A 391 -9.73 20.58 -37.09
N ALA A 392 -10.11 21.01 -35.88
CA ALA A 392 -10.66 22.35 -35.69
C ALA A 392 -9.77 23.45 -36.15
N VAL A 393 -8.48 23.26 -35.90
CA VAL A 393 -7.50 24.24 -36.36
C VAL A 393 -7.44 24.31 -37.87
N LYS A 394 -7.47 23.20 -38.53
CA LYS A 394 -7.48 23.21 -39.99
C LYS A 394 -8.70 23.97 -40.60
N LYS A 395 -9.82 23.97 -39.87
CA LYS A 395 -10.99 24.76 -40.23
C LYS A 395 -11.03 26.15 -39.70
N GLY A 396 -9.98 26.55 -39.02
CA GLY A 396 -9.89 27.89 -38.48
C GLY A 396 -10.83 28.27 -37.39
N LYS A 397 -11.31 27.26 -36.65
CA LYS A 397 -12.42 27.46 -35.69
C LYS A 397 -11.90 27.99 -34.36
N LYS A 398 -12.75 28.72 -33.68
CA LYS A 398 -12.43 29.28 -32.35
C LYS A 398 -12.53 28.17 -31.33
N TYR A 399 -13.48 27.26 -31.51
CA TYR A 399 -13.62 26.11 -30.62
C TYR A 399 -13.84 24.79 -31.35
N VAL A 400 -13.50 23.70 -30.68
CA VAL A 400 -13.70 22.41 -31.25
C VAL A 400 -15.19 22.04 -31.03
N GLU A 401 -15.83 21.52 -32.07
CA GLU A 401 -17.24 21.17 -32.04
C GLU A 401 -17.40 19.71 -32.12
N ARG A 402 -18.65 19.28 -31.97
CA ARG A 402 -18.92 17.86 -32.05
C ARG A 402 -18.51 17.22 -33.38
N GLU A 403 -18.59 17.96 -34.50
CA GLU A 403 -18.28 17.36 -35.79
C GLU A 403 -16.80 17.13 -35.87
N ASP A 404 -16.01 17.93 -35.20
CA ASP A 404 -14.56 17.73 -35.22
C ASP A 404 -14.19 16.44 -34.48
N VAL A 405 -14.95 16.11 -33.42
CA VAL A 405 -14.65 14.91 -32.66
C VAL A 405 -15.04 13.64 -33.49
N ILE A 406 -16.22 13.66 -34.07
CA ILE A 406 -16.68 12.56 -34.95
C ILE A 406 -15.69 12.27 -36.10
N GLU A 407 -15.22 13.33 -36.75
CA GLU A 407 -14.23 13.20 -37.79
C GLU A 407 -12.89 12.69 -37.28
N ALA A 408 -12.51 13.03 -36.05
CA ALA A 408 -11.26 12.58 -35.52
C ALA A 408 -11.35 11.11 -35.23
N VAL A 409 -12.52 10.69 -34.78
CA VAL A 409 -12.77 9.30 -34.44
C VAL A 409 -12.89 8.41 -35.69
N LYS A 410 -13.57 8.86 -36.73
CA LYS A 410 -13.57 8.03 -37.93
C LYS A 410 -12.13 7.92 -38.54
N MET A 411 -11.26 8.91 -38.27
CA MET A 411 -10.06 9.19 -39.10
C MET A 411 -8.73 8.41 -38.96
N ALA A 412 -8.36 7.78 -37.83
CA ALA A 412 -7.11 6.94 -37.79
C ALA A 412 -6.74 6.36 -36.42
N SER B 20 29.07 -15.50 25.45
CA SER B 20 29.20 -15.48 23.97
C SER B 20 28.53 -14.21 23.38
N LEU B 21 27.20 -14.18 23.26
CA LEU B 21 26.54 -13.26 22.29
C LEU B 21 26.54 -11.76 22.56
N GLU B 22 26.98 -11.02 21.56
CA GLU B 22 26.82 -9.58 21.58
C GLU B 22 25.34 -9.26 21.28
N LEU B 23 24.72 -8.42 22.10
CA LEU B 23 23.28 -8.14 21.97
C LEU B 23 23.03 -6.68 21.65
N GLY B 24 24.08 -5.87 21.81
CA GLY B 24 24.10 -4.49 21.37
C GLY B 24 23.45 -3.54 22.32
N ILE B 25 23.24 -3.98 23.56
CA ILE B 25 22.78 -3.11 24.63
C ILE B 25 23.19 -3.80 25.92
N GLU B 26 23.46 -3.01 26.96
CA GLU B 26 24.05 -3.53 28.18
C GLU B 26 22.98 -3.51 29.23
N PHE B 27 22.74 -4.66 29.86
CA PHE B 27 21.66 -4.78 30.85
C PHE B 27 21.92 -6.02 31.64
N THR B 28 21.45 -6.01 32.87
CA THR B 28 21.47 -7.21 33.72
C THR B 28 20.23 -8.08 33.53
N THR B 29 19.03 -7.48 33.58
CA THR B 29 17.78 -8.20 33.18
C THR B 29 16.82 -7.35 32.37
N THR B 30 15.88 -8.01 31.70
CA THR B 30 14.95 -7.29 30.82
C THR B 30 14.02 -6.34 31.53
N GLU B 31 14.05 -6.37 32.84
CA GLU B 31 13.42 -5.31 33.66
C GLU B 31 13.85 -3.87 33.28
N GLU B 32 15.05 -3.74 32.76
CA GLU B 32 15.64 -2.45 32.45
C GLU B 32 15.19 -1.99 31.06
N ILE B 33 14.49 -2.85 30.30
CA ILE B 33 14.21 -2.57 28.90
C ILE B 33 12.87 -1.86 28.75
N GLU B 34 12.86 -0.68 28.13
CA GLU B 34 11.61 0.06 27.93
C GLU B 34 10.80 -0.53 26.76
N VAL B 35 9.54 -0.77 27.02
CA VAL B 35 8.62 -1.33 26.06
C VAL B 35 7.67 -0.24 25.56
N PRO B 36 7.59 -0.04 24.25
CA PRO B 36 6.66 0.98 23.69
C PRO B 36 5.22 0.78 24.15
N GLU B 37 4.52 1.86 24.42
CA GLU B 37 3.12 1.77 24.85
C GLU B 37 2.14 1.09 23.82
N LYS B 38 2.20 1.50 22.57
CA LYS B 38 1.20 1.11 21.54
C LYS B 38 1.64 -0.12 20.78
N LEU B 39 0.67 -0.97 20.46
CA LEU B 39 1.00 -2.26 19.79
C LEU B 39 1.79 -2.02 18.50
N ILE B 40 1.48 -0.96 17.79
CA ILE B 40 2.11 -0.76 16.47
C ILE B 40 3.62 -0.53 16.66
N ASP B 41 3.98 0.08 17.79
CA ASP B 41 5.39 0.33 18.08
C ASP B 41 6.12 -0.91 18.67
N GLN B 42 5.37 -1.96 18.99
CA GLN B 42 5.89 -3.23 19.50
C GLN B 42 6.14 -4.23 18.45
N VAL B 43 5.54 -4.08 17.27
CA VAL B 43 5.87 -4.94 16.20
C VAL B 43 7.35 -4.90 15.85
N ILE B 44 7.91 -6.08 15.71
CA ILE B 44 9.34 -6.25 15.60
C ILE B 44 9.65 -6.70 14.18
N GLY B 45 10.55 -5.99 13.51
CA GLY B 45 11.15 -6.48 12.27
C GLY B 45 10.19 -6.61 11.07
N GLN B 46 9.13 -5.81 11.07
CA GLN B 46 8.26 -5.76 9.90
C GLN B 46 8.02 -4.29 9.54
N GLU B 47 9.10 -3.52 9.31
CA GLU B 47 8.94 -2.06 9.14
C GLU B 47 8.03 -1.68 7.98
N HIS B 48 8.01 -2.48 6.93
CA HIS B 48 7.18 -2.09 5.81
C HIS B 48 5.71 -2.38 6.14
N ALA B 49 5.41 -3.56 6.68
CA ALA B 49 4.03 -3.88 7.14
C ALA B 49 3.58 -2.82 8.08
N VAL B 50 4.49 -2.36 8.95
CA VAL B 50 4.07 -1.39 9.96
C VAL B 50 3.69 -0.10 9.27
N GLU B 51 4.51 0.34 8.32
CA GLU B 51 4.19 1.62 7.70
C GLU B 51 2.94 1.52 6.74
N VAL B 52 2.63 0.34 6.25
CA VAL B 52 1.37 0.10 5.49
C VAL B 52 0.15 0.08 6.38
N ILE B 53 0.28 -0.47 7.59
CA ILE B 53 -0.81 -0.52 8.52
C ILE B 53 -1.19 0.86 8.96
N LYS B 54 -0.22 1.68 9.23
CA LYS B 54 -0.55 3.03 9.58
C LYS B 54 -1.24 3.82 8.48
N THR B 55 -0.74 3.66 7.25
CA THR B 55 -1.34 4.29 6.08
C THR B 55 -2.76 3.83 5.93
N ALA B 56 -2.94 2.52 5.96
CA ALA B 56 -4.23 1.92 5.83
C ALA B 56 -5.21 2.31 6.95
N ALA B 57 -4.73 2.45 8.17
CA ALA B 57 -5.56 2.95 9.26
C ALA B 57 -5.96 4.40 9.04
N ASN B 58 -5.02 5.18 8.59
CA ASN B 58 -5.29 6.56 8.27
C ASN B 58 -6.27 6.69 7.13
N GLN B 59 -6.16 5.89 6.08
CA GLN B 59 -7.03 6.05 4.92
C GLN B 59 -8.33 5.20 5.06
N LYS B 60 -8.37 4.29 6.04
CA LYS B 60 -9.44 3.27 6.23
C LYS B 60 -9.52 2.30 5.07
N ARG B 61 -8.44 1.57 4.79
CA ARG B 61 -8.40 0.69 3.67
C ARG B 61 -8.20 -0.71 4.13
N HIS B 62 -8.74 -1.63 3.38
CA HIS B 62 -8.56 -3.04 3.71
C HIS B 62 -7.14 -3.56 3.47
N VAL B 63 -6.75 -4.67 4.12
CA VAL B 63 -5.42 -5.21 4.01
C VAL B 63 -5.44 -6.72 3.98
N LEU B 64 -4.64 -7.29 3.11
CA LEU B 64 -4.34 -8.71 3.10
C LEU B 64 -2.92 -8.90 3.57
N LEU B 65 -2.77 -9.55 4.73
CA LEU B 65 -1.49 -9.88 5.26
C LEU B 65 -1.12 -11.29 4.88
N ILE B 66 0.00 -11.39 4.18
CA ILE B 66 0.49 -12.65 3.69
C ILE B 66 1.79 -12.95 4.36
N GLY B 67 1.82 -14.02 5.14
CA GLY B 67 3.06 -14.44 5.77
C GLY B 67 2.94 -15.85 6.32
N GLU B 68 4.09 -16.44 6.62
CA GLU B 68 4.11 -17.77 7.23
C GLU B 68 3.37 -17.79 8.58
N PRO B 69 2.94 -18.97 9.02
CA PRO B 69 2.34 -18.98 10.35
C PRO B 69 3.32 -18.55 11.45
N GLY B 70 2.78 -17.97 12.50
CA GLY B 70 3.55 -17.55 13.62
C GLY B 70 4.28 -16.25 13.40
N THR B 71 3.83 -15.43 12.46
CA THR B 71 4.61 -14.31 12.00
C THR B 71 4.01 -12.97 12.52
N GLY B 72 2.97 -13.04 13.34
CA GLY B 72 2.47 -11.80 13.94
C GLY B 72 1.31 -11.13 13.23
N LYS B 73 0.49 -11.91 12.57
CA LYS B 73 -0.54 -11.32 11.73
C LYS B 73 -1.71 -10.74 12.52
N SER B 74 -2.18 -11.49 13.52
CA SER B 74 -3.22 -11.00 14.35
C SER B 74 -2.78 -9.81 15.16
N MET B 75 -1.52 -9.77 15.54
CA MET B 75 -1.03 -8.61 16.27
C MET B 75 -1.04 -7.30 15.45
N LEU B 76 -0.74 -7.41 14.15
CA LEU B 76 -0.75 -6.21 13.31
C LEU B 76 -2.18 -5.78 13.17
N GLY B 77 -3.12 -6.71 13.07
CA GLY B 77 -4.56 -6.35 13.02
C GLY B 77 -4.99 -5.62 14.28
N GLN B 78 -4.60 -6.17 15.42
CA GLN B 78 -4.86 -5.46 16.68
C GLN B 78 -4.23 -4.10 16.71
N ALA B 79 -3.05 -3.99 16.13
CA ALA B 79 -2.30 -2.75 16.17
C ALA B 79 -3.05 -1.71 15.35
N MET B 80 -3.63 -2.17 14.23
CA MET B 80 -4.45 -1.28 13.38
C MET B 80 -5.68 -0.78 14.08
N ALA B 81 -6.33 -1.67 14.82
CA ALA B 81 -7.55 -1.27 15.48
C ALA B 81 -7.29 -0.11 16.49
N GLU B 82 -6.13 -0.12 17.16
CA GLU B 82 -5.72 0.95 18.05
C GLU B 82 -5.46 2.22 17.32
N LEU B 83 -5.16 2.18 16.04
CA LEU B 83 -4.92 3.39 15.33
C LEU B 83 -6.17 4.04 14.83
N LEU B 84 -7.26 3.33 14.80
CA LEU B 84 -8.44 3.89 14.16
C LEU B 84 -9.01 4.92 15.09
N PRO B 85 -9.83 5.83 14.55
CA PRO B 85 -10.43 6.85 15.42
C PRO B 85 -11.46 6.20 16.35
N THR B 86 -11.49 6.68 17.59
CA THR B 86 -12.56 6.33 18.56
C THR B 86 -13.64 7.42 18.79
N GLU B 87 -13.51 8.58 18.13
CA GLU B 87 -14.43 9.74 18.36
C GLU B 87 -15.90 9.38 18.07
N THR B 88 -16.11 8.53 17.09
CA THR B 88 -17.42 8.35 16.52
C THR B 88 -17.85 6.91 16.55
N LEU B 89 -17.47 6.14 17.58
CA LEU B 89 -17.97 4.74 17.63
C LEU B 89 -19.46 4.83 17.80
N GLU B 90 -20.20 3.80 17.37
CA GLU B 90 -21.67 3.76 17.47
C GLU B 90 -22.15 2.51 18.12
N ASP B 91 -23.34 2.59 18.70
CA ASP B 91 -24.05 1.39 19.15
C ASP B 91 -25.09 1.07 18.06
N ILE B 92 -25.49 -0.19 17.94
CA ILE B 92 -26.41 -0.59 16.90
C ILE B 92 -27.57 -1.26 17.58
N LEU B 93 -28.77 -0.73 17.34
CA LEU B 93 -30.02 -1.30 17.87
C LEU B 93 -30.93 -1.82 16.77
N VAL B 94 -31.72 -2.82 17.14
CA VAL B 94 -32.74 -3.36 16.28
C VAL B 94 -34.09 -3.12 16.95
N PHE B 95 -35.06 -2.68 16.14
CA PHE B 95 -36.39 -2.29 16.66
C PHE B 95 -37.43 -3.22 16.00
N PRO B 96 -38.63 -3.29 16.60
CA PRO B 96 -39.70 -4.00 15.89
C PRO B 96 -40.20 -3.13 14.74
N ASN B 97 -40.61 -3.79 13.67
CA ASN B 97 -41.25 -3.11 12.53
C ASN B 97 -42.78 -3.42 12.51
N PRO B 98 -43.61 -2.47 12.93
CA PRO B 98 -45.06 -2.74 13.01
C PRO B 98 -45.70 -3.01 11.65
N GLU B 99 -45.34 -2.21 10.64
CA GLU B 99 -45.73 -2.49 9.27
C GLU B 99 -45.28 -3.89 8.87
N ASP B 100 -44.04 -4.30 9.19
CA ASP B 100 -43.54 -5.59 8.71
C ASP B 100 -42.66 -6.37 9.73
N GLU B 101 -43.30 -7.30 10.45
CA GLU B 101 -42.71 -8.06 11.55
C GLU B 101 -41.35 -8.66 11.19
N ASN B 102 -41.31 -9.33 10.03
CA ASN B 102 -40.11 -10.03 9.55
C ASN B 102 -39.02 -9.18 8.88
N MET B 103 -39.18 -7.85 8.91
CA MET B 103 -38.17 -6.89 8.53
C MET B 103 -37.88 -5.91 9.67
N PRO B 104 -37.26 -6.43 10.75
CA PRO B 104 -36.97 -5.55 11.88
C PRO B 104 -36.18 -4.34 11.46
N ARG B 105 -36.38 -3.21 12.12
CA ARG B 105 -35.71 -1.97 11.74
C ARG B 105 -34.40 -1.85 12.58
N ILE B 106 -33.40 -1.18 12.01
CA ILE B 106 -32.13 -0.99 12.65
C ILE B 106 -31.89 0.47 12.83
N LYS B 107 -31.27 0.86 13.95
CA LYS B 107 -30.85 2.24 14.16
C LYS B 107 -29.47 2.26 14.81
N THR B 108 -28.64 3.22 14.41
CA THR B 108 -27.36 3.37 15.04
C THR B 108 -27.28 4.72 15.72
N VAL B 109 -26.68 4.74 16.89
CA VAL B 109 -26.56 5.97 17.65
C VAL B 109 -25.14 6.07 18.19
N PRO B 110 -24.74 7.24 18.73
CA PRO B 110 -23.42 7.31 19.36
C PRO B 110 -23.28 6.39 20.55
N ALA B 111 -22.07 5.86 20.71
CA ALA B 111 -21.76 4.80 21.68
C ALA B 111 -22.21 5.27 23.05
N CYS B 112 -22.79 4.37 23.84
CA CYS B 112 -23.40 4.70 25.13
C CYS B 112 -24.87 5.16 25.03
N GLN B 113 -25.27 5.75 23.90
CA GLN B 113 -26.69 6.10 23.71
C GLN B 113 -27.55 4.85 23.53
N GLY B 114 -26.92 3.71 23.27
CA GLY B 114 -27.65 2.46 23.16
C GLY B 114 -28.41 2.03 24.41
N ARG B 115 -27.62 1.75 25.47
CA ARG B 115 -28.09 1.41 26.81
C ARG B 115 -29.18 2.40 27.28
N ARG B 116 -28.96 3.67 27.00
CA ARG B 116 -29.91 4.70 27.38
C ARG B 116 -31.23 4.58 26.71
N ILE B 117 -31.22 4.31 25.42
CA ILE B 117 -32.48 4.15 24.69
C ILE B 117 -33.15 2.91 25.23
N VAL B 118 -32.42 1.82 25.40
CA VAL B 118 -33.08 0.64 25.99
C VAL B 118 -33.76 1.01 27.32
N GLU B 119 -33.09 1.78 28.16
CA GLU B 119 -33.65 2.20 29.46
C GLU B 119 -34.93 2.98 29.30
N LYS B 120 -34.88 3.99 28.48
CA LYS B 120 -36.05 4.81 28.23
C LYS B 120 -37.23 3.92 27.88
N TYR B 121 -37.01 2.96 26.99
CA TYR B 121 -38.06 2.05 26.58
C TYR B 121 -38.33 0.99 27.65
N ARG B 122 -37.32 0.62 28.45
CA ARG B 122 -37.55 -0.38 29.50
C ARG B 122 -38.28 0.27 30.65
N GLU B 123 -38.38 1.58 30.65
CA GLU B 123 -39.08 2.30 31.72
C GLU B 123 -40.54 2.51 31.31
N LYS B 124 -40.78 2.65 30.01
CA LYS B 124 -42.14 2.61 29.47
C LYS B 124 -42.73 1.18 29.48
N LEU B 180 -43.00 -3.28 23.63
CA LEU B 180 -41.86 -3.90 22.95
C LEU B 180 -40.59 -3.00 22.97
N VAL B 181 -39.56 -3.48 23.68
CA VAL B 181 -38.31 -2.72 23.81
C VAL B 181 -37.29 -3.14 22.74
N PRO B 182 -36.60 -2.18 22.10
CA PRO B 182 -35.59 -2.59 21.16
C PRO B 182 -34.41 -3.30 21.79
N LYS B 183 -33.75 -4.16 21.00
CA LYS B 183 -32.56 -4.88 21.42
C LYS B 183 -31.27 -4.13 21.03
N LEU B 184 -30.30 -4.14 21.95
CA LEU B 184 -29.01 -3.52 21.71
C LEU B 184 -28.17 -4.65 21.11
N LEU B 185 -27.94 -4.56 19.80
CA LEU B 185 -27.26 -5.61 19.04
C LEU B 185 -25.77 -5.52 19.26
N VAL B 186 -25.23 -4.31 19.19
CA VAL B 186 -23.78 -4.08 19.37
C VAL B 186 -23.57 -2.86 20.27
N ASP B 187 -22.85 -3.09 21.35
CA ASP B 187 -22.70 -2.12 22.40
C ASP B 187 -21.25 -1.77 22.49
N ASN B 188 -20.91 -0.53 22.17
CA ASN B 188 -19.56 -0.06 22.26
C ASN B 188 -19.36 0.98 23.37
N CYS B 189 -20.23 0.97 24.38
CA CYS B 189 -20.12 2.02 25.43
C CYS B 189 -18.80 1.89 26.23
N GLY B 190 -18.14 3.01 26.44
CA GLY B 190 -16.91 3.02 27.24
C GLY B 190 -15.65 2.62 26.52
N ARG B 191 -15.73 2.37 25.21
CA ARG B 191 -14.56 1.91 24.49
C ARG B 191 -13.50 2.98 24.38
N THR B 192 -12.26 2.63 24.65
CA THR B 192 -11.15 3.58 24.42
C THR B 192 -10.34 3.20 23.15
N LYS B 193 -10.69 2.09 22.53
CA LYS B 193 -10.20 1.80 21.21
C LYS B 193 -11.27 1.08 20.37
N ALA B 194 -11.17 1.30 19.08
CA ALA B 194 -12.12 0.73 18.14
C ALA B 194 -12.05 -0.77 18.23
N PRO B 195 -13.17 -1.43 17.97
CA PRO B 195 -13.17 -2.85 18.20
C PRO B 195 -12.23 -3.64 17.26
N PHE B 196 -11.72 -4.73 17.77
CA PHE B 196 -10.92 -5.66 17.01
C PHE B 196 -11.68 -6.91 17.13
N ILE B 197 -12.23 -7.45 16.03
CA ILE B 197 -13.15 -8.56 16.03
C ILE B 197 -12.50 -9.68 15.27
N ASP B 198 -12.09 -10.75 15.95
CA ASP B 198 -11.41 -11.87 15.31
C ASP B 198 -12.37 -12.93 14.85
N ALA B 199 -12.59 -13.02 13.53
CA ALA B 199 -13.58 -13.91 12.98
C ALA B 199 -12.98 -15.10 12.27
N THR B 200 -11.75 -15.46 12.60
CA THR B 200 -11.13 -16.63 12.04
C THR B 200 -11.92 -17.85 12.38
N GLY B 201 -12.22 -18.66 11.38
CA GLY B 201 -12.99 -19.89 11.61
C GLY B 201 -14.50 -19.73 11.63
N ALA B 202 -15.00 -18.50 11.63
CA ALA B 202 -16.43 -18.29 11.81
C ALA B 202 -17.25 -18.94 10.71
N HIS B 203 -18.35 -19.58 11.07
CA HIS B 203 -19.30 -20.08 10.03
C HIS B 203 -20.25 -18.94 9.64
N ALA B 204 -21.13 -19.17 8.66
CA ALA B 204 -21.99 -18.10 8.12
C ALA B 204 -22.73 -17.28 9.17
N GLY B 205 -23.45 -17.96 10.06
CA GLY B 205 -24.26 -17.25 11.03
C GLY B 205 -23.43 -16.32 11.90
N ALA B 206 -22.30 -16.84 12.41
CA ALA B 206 -21.39 -16.07 13.24
C ALA B 206 -20.79 -14.87 12.46
N LEU B 207 -20.49 -15.08 11.17
CA LEU B 207 -19.87 -14.02 10.41
C LEU B 207 -20.81 -12.91 10.02
N LEU B 208 -21.91 -13.35 9.46
CA LEU B 208 -22.86 -12.50 8.73
C LEU B 208 -24.10 -12.13 9.51
N GLY B 209 -24.33 -12.84 10.63
CA GLY B 209 -25.51 -12.62 11.44
C GLY B 209 -26.54 -13.73 11.22
N ASP B 210 -27.41 -13.87 12.20
CA ASP B 210 -28.30 -14.99 12.18
C ASP B 210 -29.66 -14.65 12.86
N VAL B 211 -30.64 -15.53 12.69
CA VAL B 211 -31.91 -15.32 13.40
C VAL B 211 -32.22 -16.57 14.23
N ARG B 212 -32.25 -16.41 15.54
CA ARG B 212 -32.51 -17.55 16.43
C ARG B 212 -33.91 -18.11 16.14
N HIS B 213 -34.08 -19.43 16.27
CA HIS B 213 -35.42 -20.01 16.13
C HIS B 213 -35.99 -20.15 17.54
N ASP B 214 -36.96 -19.32 17.87
CA ASP B 214 -37.76 -19.50 19.09
C ASP B 214 -38.38 -20.90 19.08
N GLY B 220 -48.04 -20.24 25.21
CA GLY B 220 -46.94 -19.32 24.96
C GLY B 220 -47.13 -18.45 23.72
N LEU B 221 -46.73 -17.17 23.81
CA LEU B 221 -46.93 -16.19 22.71
C LEU B 221 -45.86 -16.22 21.59
N GLY B 222 -44.72 -16.86 21.83
CA GLY B 222 -43.61 -16.85 20.87
C GLY B 222 -42.88 -15.50 20.89
N THR B 223 -41.75 -15.42 20.20
CA THR B 223 -40.84 -14.29 20.33
C THR B 223 -40.94 -13.27 19.19
N PRO B 224 -41.02 -11.95 19.52
CA PRO B 224 -40.94 -10.92 18.46
C PRO B 224 -39.66 -11.09 17.63
N ALA B 225 -39.80 -10.94 16.32
CA ALA B 225 -38.70 -11.12 15.39
C ALA B 225 -37.41 -10.38 15.81
N HIS B 226 -37.55 -9.10 16.11
CA HIS B 226 -36.44 -8.27 16.42
C HIS B 226 -35.57 -8.71 17.62
N GLU B 227 -36.19 -9.30 18.62
CA GLU B 227 -35.44 -9.88 19.76
C GLU B 227 -34.63 -11.08 19.33
N ARG B 228 -34.99 -11.72 18.23
CA ARG B 228 -34.28 -12.90 17.79
C ARG B 228 -33.03 -12.68 16.86
N VAL B 229 -32.87 -11.46 16.40
CA VAL B 229 -31.76 -11.04 15.56
C VAL B 229 -30.40 -11.11 16.33
N GLU B 230 -29.45 -11.88 15.81
CA GLU B 230 -28.09 -11.89 16.35
C GLU B 230 -27.08 -11.25 15.37
N PRO B 231 -26.18 -10.37 15.89
CA PRO B 231 -25.23 -9.66 15.04
C PRO B 231 -24.18 -10.62 14.51
N GLY B 232 -23.67 -10.27 13.35
CA GLY B 232 -22.53 -10.92 12.72
C GLY B 232 -21.26 -10.37 13.30
N MET B 233 -20.16 -11.07 13.13
CA MET B 233 -18.90 -10.47 13.40
C MET B 233 -18.72 -9.18 12.55
N ILE B 234 -19.21 -9.19 11.31
CA ILE B 234 -19.12 -8.00 10.46
C ILE B 234 -19.76 -6.75 11.09
N HIS B 235 -20.84 -6.96 11.86
CA HIS B 235 -21.50 -5.84 12.51
C HIS B 235 -20.80 -5.41 13.81
N ARG B 236 -20.24 -6.36 14.56
CA ARG B 236 -19.45 -6.03 15.78
C ARG B 236 -18.26 -5.21 15.40
N ALA B 237 -17.78 -5.43 14.16
CA ALA B 237 -16.62 -4.71 13.63
C ALA B 237 -16.92 -3.37 12.99
N HIS B 238 -18.18 -2.94 13.07
CA HIS B 238 -18.58 -1.62 12.58
C HIS B 238 -17.74 -0.50 13.20
N LYS B 239 -16.96 0.22 12.37
CA LYS B 239 -16.02 1.28 12.77
C LYS B 239 -14.80 0.78 13.52
N GLY B 240 -14.54 -0.51 13.38
CA GLY B 240 -13.26 -1.10 13.84
C GLY B 240 -12.63 -2.01 12.80
N VAL B 241 -12.02 -3.09 13.27
CA VAL B 241 -11.30 -3.99 12.42
C VAL B 241 -11.91 -5.34 12.50
N LEU B 242 -12.06 -5.96 11.36
CA LEU B 242 -12.48 -7.37 11.25
C LEU B 242 -11.35 -8.22 10.77
N PHE B 243 -10.81 -9.06 11.64
CA PHE B 243 -9.60 -9.85 11.30
C PHE B 243 -10.04 -11.28 11.02
N ILE B 244 -9.63 -11.80 9.87
CA ILE B 244 -9.89 -13.17 9.45
C ILE B 244 -8.63 -13.83 8.93
N ASP B 245 -8.05 -14.66 9.77
CA ASP B 245 -6.84 -15.40 9.40
C ASP B 245 -7.25 -16.65 8.62
N GLU B 246 -6.35 -17.24 7.85
CA GLU B 246 -6.74 -18.31 6.90
C GLU B 246 -8.00 -18.02 6.10
N ILE B 247 -8.05 -16.81 5.57
CA ILE B 247 -9.16 -16.37 4.80
C ILE B 247 -9.49 -17.30 3.63
N ALA B 248 -8.51 -17.96 3.02
CA ALA B 248 -8.81 -18.91 1.93
C ALA B 248 -9.65 -20.10 2.39
N THR B 249 -9.69 -20.36 3.70
CA THR B 249 -10.42 -21.49 4.19
C THR B 249 -11.90 -21.24 4.23
N LEU B 250 -12.31 -19.98 4.29
CA LEU B 250 -13.72 -19.65 4.23
C LEU B 250 -14.32 -20.11 2.93
N SER B 251 -15.61 -20.45 2.95
CA SER B 251 -16.27 -20.93 1.74
C SER B 251 -16.30 -19.80 0.77
N LEU B 252 -16.42 -20.19 -0.51
CA LEU B 252 -16.55 -19.22 -1.60
C LEU B 252 -17.74 -18.32 -1.35
N LYS B 253 -18.87 -18.87 -0.87
CA LYS B 253 -20.06 -18.03 -0.60
C LYS B 253 -19.90 -17.05 0.59
N MET B 254 -19.09 -17.39 1.57
CA MET B 254 -18.88 -16.44 2.64
C MET B 254 -17.93 -15.29 2.21
N GLN B 255 -16.97 -15.60 1.36
CA GLN B 255 -16.04 -14.61 0.80
C GLN B 255 -16.82 -13.67 -0.09
N GLN B 256 -17.78 -14.23 -0.81
CA GLN B 256 -18.70 -13.39 -1.58
C GLN B 256 -19.56 -12.46 -0.73
N SER B 257 -20.16 -12.97 0.35
CA SER B 257 -21.02 -12.10 1.15
C SER B 257 -20.17 -11.01 1.82
N LEU B 258 -18.98 -11.38 2.22
CA LEU B 258 -18.02 -10.40 2.80
C LEU B 258 -17.72 -9.28 1.81
N LEU B 259 -17.49 -9.64 0.55
CA LEU B 259 -17.34 -8.63 -0.48
C LEU B 259 -18.47 -7.70 -0.51
N THR B 260 -19.68 -8.25 -0.52
CA THR B 260 -20.85 -7.40 -0.54
C THR B 260 -20.88 -6.48 0.67
N ALA B 261 -20.51 -7.01 1.82
CA ALA B 261 -20.47 -6.16 3.02
C ALA B 261 -19.47 -5.05 2.82
N MET B 262 -18.33 -5.34 2.22
CA MET B 262 -17.31 -4.30 2.01
C MET B 262 -17.78 -3.18 1.07
N GLN B 263 -18.36 -3.59 -0.05
CA GLN B 263 -18.96 -2.68 -1.06
C GLN B 263 -20.06 -1.83 -0.42
N GLU B 264 -20.94 -2.42 0.35
CA GLU B 264 -22.08 -1.64 0.78
C GLU B 264 -21.85 -0.95 2.12
N LYS B 265 -20.85 -1.37 2.92
CA LYS B 265 -20.76 -0.97 4.35
C LYS B 265 -22.01 -1.20 5.24
N LYS B 266 -22.86 -2.12 4.80
CA LYS B 266 -24.08 -2.55 5.50
C LYS B 266 -24.40 -3.91 4.99
N PHE B 267 -25.11 -4.68 5.78
CA PHE B 267 -25.49 -6.04 5.40
C PHE B 267 -26.67 -6.44 6.28
N PRO B 268 -27.75 -6.96 5.64
CA PRO B 268 -28.92 -7.35 6.36
C PRO B 268 -28.67 -8.61 7.08
N ILE B 269 -29.23 -8.69 8.28
CA ILE B 269 -29.24 -9.93 9.01
C ILE B 269 -30.44 -10.82 8.67
N THR B 270 -30.15 -12.08 8.40
CA THR B 270 -31.18 -13.05 8.08
C THR B 270 -30.77 -14.40 8.61
N GLY B 271 -31.75 -15.29 8.72
CA GLY B 271 -31.50 -16.65 9.17
C GLY B 271 -30.64 -17.35 8.17
N GLN B 272 -29.58 -18.01 8.66
CA GLN B 272 -28.61 -18.64 7.78
C GLN B 272 -28.89 -20.12 7.60
N SER B 273 -29.75 -20.68 8.45
CA SER B 273 -30.32 -21.99 8.18
C SER B 273 -31.66 -21.83 7.42
N GLU B 274 -31.65 -22.30 6.16
CA GLU B 274 -32.69 -22.01 5.14
C GLU B 274 -34.09 -22.57 5.45
N MET B 275 -34.13 -23.69 6.19
CA MET B 275 -35.40 -24.34 6.50
C MET B 275 -36.13 -23.77 7.72
N SER B 276 -35.44 -23.03 8.57
CA SER B 276 -35.97 -22.63 9.88
C SER B 276 -36.92 -21.40 9.84
N SER B 277 -37.42 -21.05 11.03
CA SER B 277 -38.27 -19.86 11.23
C SER B 277 -37.50 -18.57 10.94
N GLY B 278 -36.18 -18.65 11.06
CA GLY B 278 -35.30 -17.49 10.87
C GLY B 278 -35.05 -17.04 9.44
N ALA B 279 -35.08 -17.97 8.49
CA ALA B 279 -35.01 -17.62 7.05
C ALA B 279 -36.08 -16.60 6.63
N MET B 280 -37.23 -16.60 7.29
CA MET B 280 -38.28 -15.63 6.96
C MET B 280 -37.98 -14.23 7.50
N VAL B 281 -37.00 -14.07 8.39
CA VAL B 281 -36.73 -12.75 8.97
C VAL B 281 -35.57 -12.10 8.20
N ARG B 282 -35.70 -10.84 7.83
CA ARG B 282 -34.59 -10.18 7.16
C ARG B 282 -34.63 -8.77 7.51
N THR B 283 -33.69 -8.39 8.34
CA THR B 283 -33.70 -7.03 8.87
C THR B 283 -33.38 -6.03 7.78
N GLU B 284 -33.57 -4.75 8.05
CA GLU B 284 -32.99 -3.70 7.24
C GLU B 284 -31.47 -3.86 7.23
N PRO B 285 -30.78 -3.17 6.28
CA PRO B 285 -29.34 -3.35 6.26
C PRO B 285 -28.67 -2.81 7.53
N VAL B 286 -27.77 -3.61 8.09
CA VAL B 286 -27.13 -3.31 9.40
C VAL B 286 -25.73 -2.81 9.13
N PRO B 287 -25.33 -1.67 9.73
CA PRO B 287 -24.03 -1.12 9.39
C PRO B 287 -22.86 -2.07 9.71
N CYS B 288 -21.84 -2.03 8.85
CA CYS B 288 -20.66 -2.89 8.97
C CYS B 288 -19.49 -2.30 8.28
N ASP B 289 -19.22 -1.03 8.58
CA ASP B 289 -18.08 -0.28 8.03
C ASP B 289 -16.83 -0.72 8.76
N PHE B 290 -16.39 -1.95 8.50
CA PHE B 290 -15.13 -2.43 9.09
C PHE B 290 -14.00 -2.19 8.08
N VAL B 291 -12.80 -2.09 8.59
CA VAL B 291 -11.62 -2.39 7.86
C VAL B 291 -11.31 -3.86 8.02
N LEU B 292 -11.19 -4.57 6.91
CA LEU B 292 -10.87 -5.95 6.88
C LEU B 292 -9.40 -6.11 6.92
N VAL B 293 -8.92 -6.88 7.87
CA VAL B 293 -7.55 -7.33 7.86
C VAL B 293 -7.60 -8.80 7.64
N ALA B 294 -7.50 -9.24 6.37
CA ALA B 294 -7.47 -10.63 6.06
C ALA B 294 -6.05 -11.14 6.16
N ALA B 295 -5.88 -12.43 6.40
CA ALA B 295 -4.53 -12.96 6.44
C ALA B 295 -4.46 -14.38 6.00
N GLY B 296 -3.27 -14.77 5.66
CA GLY B 296 -3.07 -16.10 5.16
C GLY B 296 -1.63 -16.42 4.92
N ASN B 297 -1.32 -17.72 4.85
CA ASN B 297 0.02 -18.13 4.41
C ASN B 297 0.26 -17.84 2.90
N LEU B 298 1.44 -18.21 2.41
CA LEU B 298 1.87 -17.84 1.08
C LEU B 298 1.04 -18.44 -0.03
N ASP B 299 0.31 -19.52 0.28
CA ASP B 299 -0.62 -20.20 -0.64
C ASP B 299 -2.05 -19.56 -0.74
N THR B 300 -2.38 -18.66 0.18
CA THR B 300 -3.66 -17.92 0.21
C THR B 300 -3.92 -17.06 -1.05
N VAL B 301 -2.91 -16.36 -1.55
CA VAL B 301 -3.14 -15.53 -2.76
C VAL B 301 -3.74 -16.39 -3.89
N ASP B 302 -3.15 -17.56 -4.12
CA ASP B 302 -3.65 -18.45 -5.17
C ASP B 302 -5.10 -18.97 -4.82
N LYS B 303 -5.33 -19.36 -3.56
CA LYS B 303 -6.50 -20.22 -3.23
C LYS B 303 -7.75 -19.43 -2.90
N MET B 304 -7.59 -18.22 -2.40
CA MET B 304 -8.70 -17.47 -1.86
C MET B 304 -9.52 -17.09 -3.03
N HIS B 305 -10.74 -16.63 -2.76
CA HIS B 305 -11.69 -16.19 -3.78
C HIS B 305 -11.16 -15.02 -4.61
N PRO B 306 -11.07 -15.18 -5.93
CA PRO B 306 -10.43 -14.09 -6.72
C PRO B 306 -11.08 -12.74 -6.72
N ALA B 307 -12.41 -12.67 -6.66
CA ALA B 307 -13.07 -11.38 -6.49
C ALA B 307 -12.60 -10.64 -5.22
N LEU B 308 -12.33 -11.40 -4.16
CA LEU B 308 -11.97 -10.77 -2.88
C LEU B 308 -10.57 -10.30 -3.10
N ARG B 309 -9.68 -11.16 -3.59
CA ARG B 309 -8.30 -10.71 -3.91
C ARG B 309 -8.31 -9.47 -4.80
N SER B 310 -9.21 -9.40 -5.81
CA SER B 310 -9.28 -8.17 -6.67
C SER B 310 -9.68 -6.94 -5.97
N ARG B 311 -10.67 -7.04 -5.09
CA ARG B 311 -11.09 -5.91 -4.28
C ARG B 311 -9.97 -5.36 -3.38
N ILE B 312 -9.19 -6.26 -2.78
CA ILE B 312 -8.10 -5.80 -1.93
C ILE B 312 -6.99 -5.15 -2.80
N ARG B 313 -6.64 -5.76 -3.93
CA ARG B 313 -5.59 -5.20 -4.79
C ARG B 313 -6.06 -3.88 -5.32
N GLY B 314 -7.32 -3.80 -5.74
CA GLY B 314 -7.90 -2.59 -6.28
C GLY B 314 -8.03 -1.40 -5.40
N TYR B 315 -8.42 -1.64 -4.15
CA TYR B 315 -8.72 -0.56 -3.26
C TYR B 315 -7.94 -0.64 -1.95
N GLY B 316 -7.13 -1.69 -1.72
CA GLY B 316 -6.51 -1.88 -0.38
C GLY B 316 -5.02 -2.16 -0.49
N TYR B 317 -4.44 -2.88 0.46
CA TYR B 317 -2.99 -3.17 0.44
C TYR B 317 -2.77 -4.63 0.66
N GLU B 318 -2.03 -5.28 -0.23
CA GLU B 318 -1.54 -6.64 -0.02
C GLU B 318 -0.24 -6.35 0.76
N VAL B 319 0.03 -7.07 1.85
CA VAL B 319 1.29 -6.94 2.57
C VAL B 319 2.00 -8.30 2.65
N TYR B 320 3.13 -8.40 1.93
CA TYR B 320 4.02 -9.60 1.91
C TYR B 320 4.98 -9.46 3.09
N MET B 321 4.78 -10.27 4.10
CA MET B 321 5.49 -10.12 5.32
C MET B 321 6.79 -10.90 5.33
N ARG B 322 7.81 -10.35 5.97
CA ARG B 322 9.13 -11.01 6.02
C ARG B 322 9.10 -12.22 6.92
N THR B 323 10.00 -13.16 6.66
CA THR B 323 10.10 -14.40 7.48
C THR B 323 11.39 -14.46 8.28
N THR B 324 12.40 -13.74 7.85
CA THR B 324 13.64 -13.63 8.60
C THR B 324 14.12 -12.22 8.49
N MET B 325 15.05 -11.87 9.35
CA MET B 325 15.77 -10.64 9.25
C MET B 325 17.25 -10.97 9.35
N PRO B 326 18.11 -10.00 8.99
CA PRO B 326 19.53 -10.36 9.01
C PRO B 326 20.08 -10.27 10.42
N ASP B 327 20.93 -11.23 10.78
CA ASP B 327 21.47 -11.21 12.11
C ASP B 327 22.52 -10.12 12.24
N THR B 328 22.09 -8.96 12.65
CA THR B 328 22.96 -7.84 12.95
C THR B 328 22.77 -7.45 14.41
N ILE B 329 23.61 -6.56 14.90
CA ILE B 329 23.45 -6.03 16.24
C ILE B 329 22.15 -5.24 16.43
N GLU B 330 21.75 -4.50 15.41
CA GLU B 330 20.53 -3.69 15.50
C GLU B 330 19.29 -4.62 15.59
N ASN B 331 19.34 -5.76 14.92
CA ASN B 331 18.25 -6.71 14.94
C ASN B 331 18.26 -7.59 16.20
N ARG B 332 19.44 -7.90 16.74
CA ARG B 332 19.59 -8.50 18.07
C ARG B 332 18.96 -7.68 19.14
N ARG B 333 19.29 -6.41 19.14
CA ARG B 333 18.63 -5.44 19.95
C ARG B 333 17.07 -5.51 19.92
N LYS B 334 16.48 -5.82 18.76
CA LYS B 334 15.02 -5.80 18.64
C LYS B 334 14.49 -7.09 19.33
N LEU B 335 15.21 -8.22 19.19
CA LEU B 335 14.89 -9.41 20.00
C LEU B 335 14.95 -9.14 21.50
N VAL B 336 15.81 -8.25 21.94
CA VAL B 336 15.90 -7.94 23.35
C VAL B 336 14.59 -7.30 23.72
N GLN B 337 14.16 -6.37 22.90
CA GLN B 337 12.85 -5.72 23.11
C GLN B 337 11.73 -6.76 23.09
N PHE B 338 11.77 -7.64 22.12
CA PHE B 338 10.82 -8.73 22.00
C PHE B 338 10.62 -9.50 23.33
N VAL B 339 11.72 -10.00 23.90
CA VAL B 339 11.70 -10.66 25.20
C VAL B 339 11.06 -9.81 26.25
N ALA B 340 11.49 -8.59 26.39
CA ALA B 340 10.88 -7.71 27.32
C ALA B 340 9.36 -7.56 27.12
N GLN B 341 8.92 -7.48 25.87
CA GLN B 341 7.51 -7.29 25.56
C GLN B 341 6.72 -8.51 25.90
N GLU B 342 7.32 -9.68 25.73
CA GLU B 342 6.58 -10.94 25.97
C GLU B 342 6.40 -11.14 27.46
N VAL B 343 7.43 -10.87 28.25
CA VAL B 343 7.28 -10.94 29.67
C VAL B 343 6.14 -10.06 30.17
N LYS B 344 6.10 -8.82 29.68
CA LYS B 344 5.10 -7.84 30.07
C LYS B 344 3.72 -8.30 29.68
N ARG B 345 3.60 -8.77 28.46
CA ARG B 345 2.31 -9.20 27.98
C ARG B 345 1.81 -10.42 28.75
N ASP B 346 2.72 -11.32 29.13
CA ASP B 346 2.38 -12.47 29.93
C ASP B 346 1.95 -12.07 31.32
N GLY B 347 2.72 -11.21 31.98
CA GLY B 347 2.40 -10.71 33.31
C GLY B 347 2.60 -11.64 34.51
N LYS B 348 2.89 -12.92 34.28
CA LYS B 348 3.06 -13.91 35.35
C LYS B 348 4.39 -14.69 35.29
N ILE B 349 5.37 -14.15 34.55
CA ILE B 349 6.69 -14.75 34.51
C ILE B 349 7.71 -13.72 34.82
N PRO B 350 8.87 -14.18 35.25
CA PRO B 350 9.89 -13.22 35.64
C PRO B 350 10.58 -12.63 34.42
N HIS B 351 11.26 -11.51 34.61
CA HIS B 351 12.15 -10.98 33.60
C HIS B 351 13.35 -11.90 33.40
N PHE B 352 14.02 -11.64 32.30
CA PHE B 352 15.04 -12.53 31.84
C PHE B 352 16.40 -11.92 32.14
N THR B 353 17.35 -12.76 32.56
CA THR B 353 18.75 -12.33 32.63
C THR B 353 19.29 -12.13 31.20
N LYS B 354 20.27 -11.25 31.09
CA LYS B 354 20.99 -11.11 29.81
C LYS B 354 21.39 -12.43 29.17
N GLU B 355 21.92 -13.37 29.93
CA GLU B 355 22.30 -14.64 29.34
C GLU B 355 21.13 -15.50 28.85
N ALA B 356 19.97 -15.34 29.47
CA ALA B 356 18.78 -16.06 28.95
C ALA B 356 18.34 -15.45 27.62
N VAL B 357 18.44 -14.15 27.52
CA VAL B 357 18.14 -13.39 26.27
C VAL B 357 19.04 -13.82 25.16
N GLU B 358 20.35 -13.96 25.49
CA GLU B 358 21.28 -14.49 24.50
C GLU B 358 20.81 -15.77 24.03
N GLU B 359 20.25 -16.60 24.94
CA GLU B 359 19.83 -17.96 24.48
C GLU B 359 18.58 -17.89 23.62
N ILE B 360 17.75 -16.87 23.83
CA ILE B 360 16.55 -16.71 22.94
C ILE B 360 17.04 -16.34 21.53
N VAL B 361 18.07 -15.48 21.48
CA VAL B 361 18.75 -15.13 20.19
C VAL B 361 19.34 -16.35 19.53
N ARG B 362 20.01 -17.17 20.34
CA ARG B 362 20.60 -18.41 19.83
C ARG B 362 19.52 -19.22 19.15
N GLU B 363 18.34 -19.30 19.81
CA GLU B 363 17.22 -20.01 19.22
C GLU B 363 16.70 -19.29 17.97
N ALA B 364 16.78 -17.96 17.95
CA ALA B 364 16.20 -17.23 16.81
C ALA B 364 17.10 -17.45 15.61
N GLN B 365 18.41 -17.56 15.87
CA GLN B 365 19.40 -17.92 14.84
C GLN B 365 19.07 -19.30 14.32
N LYS B 366 18.85 -20.26 15.20
CA LYS B 366 18.59 -21.60 14.70
C LYS B 366 17.32 -21.77 13.96
N ARG B 367 16.25 -21.09 14.38
CA ARG B 367 14.95 -21.26 13.70
C ARG B 367 14.87 -20.45 12.40
N ALA B 368 15.85 -19.58 12.12
CA ALA B 368 15.84 -18.76 10.89
C ALA B 368 15.71 -19.60 9.60
N GLY B 369 16.19 -20.83 9.64
CA GLY B 369 16.26 -21.69 8.47
C GLY B 369 17.21 -21.12 7.44
N ARG B 370 18.11 -20.23 7.89
CA ARG B 370 19.13 -19.58 7.08
C ARG B 370 20.39 -19.67 7.91
N LYS B 371 21.44 -19.00 7.44
CA LYS B 371 22.68 -18.79 8.18
C LYS B 371 22.86 -17.31 8.16
N GLY B 372 23.39 -16.73 9.23
CA GLY B 372 23.47 -15.27 9.28
C GLY B 372 22.11 -14.54 9.37
N HIS B 373 21.04 -15.26 9.72
CA HIS B 373 19.74 -14.61 9.91
C HIS B 373 19.05 -14.99 11.21
N LEU B 374 18.09 -14.16 11.58
CA LEU B 374 17.23 -14.35 12.74
C LEU B 374 15.80 -14.63 12.31
N THR B 375 15.05 -15.44 13.08
CA THR B 375 13.68 -15.80 12.70
C THR B 375 12.81 -14.62 12.97
N LEU B 376 11.77 -14.51 12.17
CA LEU B 376 10.70 -13.59 12.50
C LEU B 376 9.40 -14.43 12.68
N ARG B 377 9.54 -15.73 12.87
CA ARG B 377 8.42 -16.54 13.29
C ARG B 377 8.34 -16.44 14.80
N LEU B 378 7.83 -15.31 15.29
CA LEU B 378 7.99 -15.00 16.67
C LEU B 378 6.94 -15.63 17.56
N ARG B 379 5.84 -16.15 17.01
CA ARG B 379 4.88 -16.85 17.87
C ARG B 379 5.54 -18.02 18.57
N ASP B 380 6.27 -18.84 17.83
CA ASP B 380 6.98 -19.95 18.38
C ASP B 380 8.04 -19.53 19.42
N LEU B 381 8.84 -18.53 19.06
CA LEU B 381 9.81 -17.96 19.96
C LEU B 381 9.15 -17.34 21.18
N GLY B 382 7.96 -16.78 21.00
CA GLY B 382 7.10 -16.33 22.08
C GLY B 382 6.72 -17.45 23.07
N GLY B 383 6.37 -18.63 22.52
CA GLY B 383 6.10 -19.82 23.31
C GLY B 383 7.28 -20.24 24.15
N ILE B 384 8.47 -20.23 23.56
CA ILE B 384 9.69 -20.49 24.34
C ILE B 384 9.96 -19.47 25.48
N VAL B 385 9.77 -18.18 25.21
CA VAL B 385 9.89 -17.19 26.26
C VAL B 385 8.95 -17.53 27.47
N ARG B 386 7.71 -17.75 27.13
CA ARG B 386 6.68 -18.03 28.12
C ARG B 386 6.90 -19.36 28.81
N ALA B 387 7.35 -20.41 28.12
CA ALA B 387 7.63 -21.69 28.75
C ALA B 387 8.84 -21.57 29.67
N ALA B 388 9.90 -20.89 29.25
CA ALA B 388 11.02 -20.71 30.19
C ALA B 388 10.65 -19.92 31.44
N GLY B 389 9.83 -18.91 31.25
CA GLY B 389 9.29 -18.16 32.36
C GLY B 389 8.55 -19.10 33.31
N ASP B 390 7.68 -19.94 32.79
CA ASP B 390 6.93 -20.89 33.62
C ASP B 390 7.88 -21.81 34.39
N ILE B 391 8.94 -22.29 33.75
CA ILE B 391 9.93 -23.11 34.45
C ILE B 391 10.58 -22.34 35.58
N ALA B 392 10.95 -21.07 35.32
CA ALA B 392 11.58 -20.32 36.32
C ALA B 392 10.69 -20.16 37.56
N VAL B 393 9.41 -19.97 37.32
CA VAL B 393 8.43 -19.76 38.39
C VAL B 393 8.30 -21.07 39.19
N LYS B 394 8.19 -22.20 38.53
CA LYS B 394 8.19 -23.50 39.24
C LYS B 394 9.42 -23.73 40.15
N LYS B 395 10.52 -23.06 39.84
CA LYS B 395 11.73 -23.08 40.65
C LYS B 395 11.89 -21.92 41.58
N GLY B 396 10.88 -21.08 41.65
CA GLY B 396 10.93 -20.03 42.62
C GLY B 396 11.92 -18.96 42.32
N LYS B 397 12.30 -18.80 41.05
CA LYS B 397 13.35 -17.81 40.69
C LYS B 397 12.90 -16.39 40.56
N LYS B 398 13.83 -15.47 40.79
CA LYS B 398 13.59 -14.02 40.67
C LYS B 398 13.70 -13.63 39.18
N TYR B 399 14.41 -14.43 38.41
CA TYR B 399 14.64 -14.19 36.99
C TYR B 399 14.86 -15.47 36.27
N VAL B 400 14.48 -15.44 34.98
CA VAL B 400 14.66 -16.55 34.09
C VAL B 400 16.13 -16.54 33.72
N GLU B 401 16.70 -17.73 33.61
CA GLU B 401 18.10 -17.90 33.46
C GLU B 401 18.30 -18.74 32.28
N ARG B 402 19.53 -18.73 31.80
CA ARG B 402 19.84 -19.50 30.64
C ARG B 402 19.39 -20.95 30.76
N GLU B 403 19.62 -21.59 31.90
CA GLU B 403 19.20 -23.00 32.03
C GLU B 403 17.69 -23.16 31.80
N ASP B 404 16.91 -22.16 32.19
CA ASP B 404 15.46 -22.26 32.01
C ASP B 404 15.02 -22.30 30.54
N VAL B 405 15.73 -21.53 29.70
CA VAL B 405 15.40 -21.49 28.24
C VAL B 405 15.74 -22.80 27.52
N ILE B 406 16.96 -23.22 27.80
CA ILE B 406 17.44 -24.52 27.33
C ILE B 406 16.47 -25.60 27.77
N GLU B 407 16.10 -25.60 29.05
CA GLU B 407 15.06 -26.61 29.43
C GLU B 407 13.78 -26.41 28.60
N ALA B 408 13.35 -25.16 28.41
CA ALA B 408 12.08 -24.93 27.70
C ALA B 408 12.16 -25.42 26.27
N VAL B 409 13.36 -25.35 25.68
CA VAL B 409 13.50 -25.79 24.29
C VAL B 409 13.42 -27.31 24.21
N LYS B 410 14.25 -28.01 24.99
CA LYS B 410 14.17 -29.46 25.07
C LYS B 410 12.69 -29.94 25.25
N MET B 411 11.84 -29.11 25.87
CA MET B 411 10.43 -29.48 26.22
C MET B 411 9.40 -29.42 25.07
N ALA B 412 9.83 -29.09 23.86
CA ALA B 412 9.14 -29.55 22.60
C ALA B 412 7.80 -28.87 22.22
#